data_3VVM
#
_entry.id   3VVM
#
_cell.length_a   46.560
_cell.length_b   102.330
_cell.length_c   147.300
_cell.angle_alpha   90.00
_cell.angle_beta   90.00
_cell.angle_gamma   90.00
#
_symmetry.space_group_name_H-M   'P 21 21 21'
#
loop_
_entity.id
_entity.type
_entity.pdbx_description
1 polymer 'Homoserine O-acetyltransferase'
2 water water
#
_entity_poly.entity_id   1
_entity_poly.type   'polypeptide(L)'
_entity_poly.pdbx_seq_one_letter_code
;MGSSHHHHHHSSGLVPRGSHMREFIPPASRFIELPDGFAMRRGGALYGARIAYETFGSLNAARDNAVLVLTALSGDAHAA
SRPDDPTPGWWEAMVGPGKPVDTDLWHVICVNSLGSCKGSTGPASTDPRTGEPYRLSFPELSIEDIADAAAHTVRALGIS
RLACVVGASMGGMSALALLARHPELARTHISLSGAVHALPFSIAVRSLQREAIRSDPGWLQGHYDEGEGPRRGMLTARKL
GMMTYRSAQEWDCRFGRTRIGERRRADQGRFGPEFEVESYLDFHAQRFADRFDPNSYLYLSHAMDQFDLGDGGGGGGGAP
GALSRMRVERALVMGARTDILFPLSQQQEIADGLSAGGADVSFLPVDTPAGHDAFLVDIERFGPPVAKFLAIVA
;
_entity_poly.pdbx_strand_id   A,B
#
# COMPACT_ATOMS: atom_id res chain seq x y z
N MET A 21 -2.17 18.18 25.21
CA MET A 21 -2.87 19.17 24.35
C MET A 21 -3.50 18.48 23.14
N ARG A 22 -4.70 18.92 22.77
CA ARG A 22 -5.41 18.35 21.64
C ARG A 22 -4.93 19.01 20.34
N GLU A 23 -4.50 20.26 20.43
CA GLU A 23 -4.01 21.00 19.28
C GLU A 23 -2.50 21.19 19.40
N PHE A 24 -1.82 21.21 18.26
CA PHE A 24 -0.37 21.36 18.23
C PHE A 24 -0.03 22.62 17.44
N ILE A 25 -0.11 23.74 18.14
CA ILE A 25 0.09 25.05 17.53
C ILE A 25 1.50 25.62 17.64
N PRO A 26 2.13 25.93 16.49
CA PRO A 26 3.48 26.49 16.51
C PRO A 26 3.46 27.78 17.32
N PRO A 27 4.46 27.99 18.19
CA PRO A 27 4.55 29.18 19.05
C PRO A 27 4.48 30.56 18.41
N ALA A 28 4.89 30.69 17.15
CA ALA A 28 4.87 32.00 16.49
C ALA A 28 3.65 32.18 15.59
N SER A 29 2.65 31.33 15.76
CA SER A 29 1.44 31.41 14.94
C SER A 29 0.69 32.72 15.11
N ARG A 30 0.15 33.22 14.00
CA ARG A 30 -0.67 34.43 14.01
C ARG A 30 -2.03 33.93 13.58
N PHE A 31 -3.08 34.70 13.81
CA PHE A 31 -4.41 34.23 13.43
C PHE A 31 -5.30 35.26 12.77
N ILE A 32 -6.12 34.79 11.84
CA ILE A 32 -7.11 35.63 11.19
C ILE A 32 -8.44 34.99 11.56
N GLU A 33 -9.37 35.77 12.10
CA GLU A 33 -10.65 35.23 12.48
C GLU A 33 -11.61 35.15 11.31
N LEU A 34 -12.30 34.03 11.18
CA LEU A 34 -13.26 33.85 10.09
C LEU A 34 -14.58 34.47 10.54
N PRO A 35 -15.32 35.07 9.61
CA PRO A 35 -16.61 35.69 9.97
C PRO A 35 -17.56 34.68 10.61
N ASP A 36 -18.29 35.12 11.63
CA ASP A 36 -19.26 34.25 12.27
C ASP A 36 -20.25 33.88 11.18
N GLY A 37 -20.56 32.60 11.03
CA GLY A 37 -21.50 32.20 9.99
C GLY A 37 -20.80 31.73 8.74
N PHE A 38 -19.48 31.63 8.80
CA PHE A 38 -18.67 31.14 7.67
C PHE A 38 -19.33 29.85 7.19
N ALA A 39 -19.83 29.84 5.96
CA ALA A 39 -20.54 28.68 5.43
C ALA A 39 -19.70 27.52 4.93
N MET A 40 -20.03 26.32 5.41
CA MET A 40 -19.34 25.11 4.98
C MET A 40 -20.11 24.53 3.78
N ARG A 41 -19.38 24.11 2.76
CA ARG A 41 -19.99 23.58 1.54
C ARG A 41 -21.06 22.52 1.75
N ARG A 42 -20.81 21.55 2.63
CA ARG A 42 -21.78 20.48 2.86
C ARG A 42 -22.80 20.71 3.95
N GLY A 43 -22.96 21.97 4.34
CA GLY A 43 -23.93 22.29 5.38
C GLY A 43 -23.28 22.74 6.68
N GLY A 44 -24.00 23.53 7.45
CA GLY A 44 -23.47 24.01 8.71
C GLY A 44 -22.61 25.23 8.50
N ALA A 45 -22.22 25.87 9.60
CA ALA A 45 -21.39 27.06 9.53
C ALA A 45 -20.46 27.09 10.73
N LEU A 46 -19.45 27.96 10.68
CA LEU A 46 -18.50 28.09 11.78
C LEU A 46 -18.65 29.44 12.46
N TYR A 47 -18.57 29.42 13.79
CA TYR A 47 -18.66 30.65 14.58
C TYR A 47 -17.44 30.70 15.48
N GLY A 48 -16.84 31.88 15.59
CA GLY A 48 -15.66 32.04 16.41
C GLY A 48 -14.46 31.25 15.93
N ALA A 49 -14.45 30.91 14.64
CA ALA A 49 -13.36 30.14 14.04
C ALA A 49 -12.20 31.03 13.57
N ARG A 50 -11.07 30.41 13.28
CA ARG A 50 -9.90 31.17 12.85
C ARG A 50 -8.95 30.33 11.99
N ILE A 51 -8.06 31.03 11.31
CA ILE A 51 -7.04 30.37 10.49
C ILE A 51 -5.68 30.79 11.06
N ALA A 52 -4.83 29.80 11.32
CA ALA A 52 -3.49 30.07 11.81
C ALA A 52 -2.58 30.24 10.60
N TYR A 53 -1.65 31.19 10.67
CA TYR A 53 -0.75 31.42 9.55
C TYR A 53 0.58 31.97 10.05
N GLU A 54 1.57 31.95 9.18
CA GLU A 54 2.89 32.47 9.48
C GLU A 54 3.40 33.11 8.21
N THR A 55 4.26 34.11 8.34
CA THR A 55 4.81 34.77 7.16
C THR A 55 6.33 34.73 7.19
N PHE A 56 6.93 34.84 6.02
CA PHE A 56 8.38 34.80 5.87
C PHE A 56 8.73 35.80 4.78
N GLY A 57 9.60 36.75 5.10
CA GLY A 57 9.96 37.77 4.13
C GLY A 57 9.02 38.96 4.30
N SER A 58 9.42 40.12 3.81
CA SER A 58 8.59 41.32 3.95
C SER A 58 7.73 41.67 2.74
N LEU A 59 6.55 42.22 2.99
CA LEU A 59 5.65 42.64 1.92
C LEU A 59 6.10 44.04 1.50
N ASN A 60 6.20 44.29 0.20
CA ASN A 60 6.62 45.61 -0.25
C ASN A 60 5.49 46.62 -0.07
N ALA A 61 5.82 47.90 -0.22
CA ALA A 61 4.83 48.96 -0.07
C ALA A 61 3.59 48.81 -0.94
N ALA A 62 3.80 48.35 -2.17
CA ALA A 62 2.70 48.16 -3.12
C ALA A 62 1.88 46.91 -2.84
N ARG A 63 2.36 46.07 -1.94
CA ARG A 63 1.69 44.83 -1.57
C ARG A 63 1.49 43.89 -2.76
N ASP A 64 2.46 43.86 -3.67
CA ASP A 64 2.33 43.02 -4.85
C ASP A 64 3.31 41.85 -4.92
N ASN A 65 3.93 41.52 -3.79
CA ASN A 65 4.89 40.41 -3.76
C ASN A 65 4.51 39.32 -2.75
N ALA A 66 3.22 39.15 -2.52
CA ALA A 66 2.74 38.13 -1.58
C ALA A 66 2.60 36.77 -2.25
N VAL A 67 3.05 35.74 -1.56
CA VAL A 67 2.97 34.37 -2.08
C VAL A 67 2.27 33.51 -1.02
N LEU A 68 1.12 32.96 -1.40
CA LEU A 68 0.36 32.09 -0.49
C LEU A 68 0.77 30.64 -0.69
N VAL A 69 0.95 29.92 0.41
CA VAL A 69 1.32 28.52 0.36
C VAL A 69 0.29 27.67 1.09
N LEU A 70 -0.35 26.77 0.34
CA LEU A 70 -1.34 25.85 0.89
C LEU A 70 -0.61 24.51 1.02
N THR A 71 -0.67 23.93 2.22
CA THR A 71 0.07 22.71 2.53
C THR A 71 -0.59 21.36 2.27
N ALA A 72 0.22 20.32 2.45
CA ALA A 72 -0.23 18.94 2.32
C ALA A 72 -1.06 18.66 3.57
N LEU A 73 -1.75 17.53 3.59
CA LEU A 73 -2.59 17.18 4.72
C LEU A 73 -1.95 17.26 6.11
N SER A 74 -0.72 16.76 6.23
CA SER A 74 -0.04 16.74 7.53
C SER A 74 0.78 17.98 7.90
N GLY A 75 0.81 18.98 7.02
CA GLY A 75 1.61 20.15 7.34
C GLY A 75 0.99 21.17 8.28
N ASP A 76 1.76 22.19 8.61
CA ASP A 76 1.26 23.30 9.43
C ASP A 76 1.74 24.59 8.79
N ALA A 77 1.49 25.72 9.44
CA ALA A 77 1.88 27.00 8.86
C ALA A 77 3.37 27.32 8.98
N HIS A 78 4.10 26.53 9.75
CA HIS A 78 5.53 26.77 9.95
C HIS A 78 6.38 26.18 8.82
N ALA A 79 6.35 26.85 7.67
CA ALA A 79 7.08 26.38 6.50
C ALA A 79 8.59 26.48 6.66
N ALA A 80 9.05 27.43 7.49
CA ALA A 80 10.47 27.62 7.70
C ALA A 80 10.75 28.23 9.07
N SER A 81 12.01 28.13 9.50
CA SER A 81 12.42 28.68 10.79
C SER A 81 12.40 30.20 10.76
N ARG A 82 12.15 30.80 11.92
CA ARG A 82 12.11 32.24 12.09
C ARG A 82 12.67 32.58 13.46
N PRO A 83 13.04 33.85 13.68
CA PRO A 83 13.59 34.27 14.97
C PRO A 83 12.72 33.92 16.16
N ASP A 84 11.40 34.06 16.01
CA ASP A 84 10.48 33.75 17.11
C ASP A 84 10.10 32.27 17.19
N ASP A 85 10.72 31.46 16.34
CA ASP A 85 10.52 30.01 16.32
C ASP A 85 11.56 29.41 15.39
N PRO A 86 12.80 29.27 15.88
CA PRO A 86 13.92 28.71 15.12
C PRO A 86 13.81 27.24 14.75
N THR A 87 12.73 26.59 15.19
CA THR A 87 12.51 25.19 14.87
C THR A 87 12.44 25.07 13.35
N PRO A 88 13.06 24.03 12.77
CA PRO A 88 13.01 23.90 11.31
C PRO A 88 11.58 23.72 10.80
N GLY A 89 11.29 24.32 9.65
CA GLY A 89 9.96 24.22 9.06
C GLY A 89 9.82 23.03 8.13
N TRP A 90 8.59 22.69 7.75
CA TRP A 90 8.38 21.55 6.88
C TRP A 90 8.96 21.75 5.48
N TRP A 91 9.26 23.00 5.12
CA TRP A 91 9.83 23.31 3.81
C TRP A 91 11.06 24.20 4.00
N GLU A 92 11.83 23.89 5.04
CA GLU A 92 13.02 24.64 5.40
C GLU A 92 13.97 24.94 4.23
N ALA A 93 14.25 23.95 3.40
CA ALA A 93 15.17 24.13 2.27
C ALA A 93 14.58 24.91 1.10
N MET A 94 13.26 25.05 1.08
CA MET A 94 12.57 25.77 0.00
C MET A 94 12.31 27.25 0.25
N VAL A 95 11.99 27.59 1.50
CA VAL A 95 11.67 28.97 1.86
C VAL A 95 12.72 29.64 2.74
N GLY A 96 13.25 30.77 2.25
CA GLY A 96 14.25 31.50 3.01
C GLY A 96 15.08 32.43 2.15
N PRO A 97 16.02 33.18 2.75
CA PRO A 97 16.87 34.12 2.02
C PRO A 97 17.69 33.40 0.94
N GLY A 98 17.47 33.79 -0.31
CA GLY A 98 18.21 33.18 -1.41
C GLY A 98 17.78 31.77 -1.80
N LYS A 99 16.71 31.27 -1.20
CA LYS A 99 16.23 29.93 -1.52
C LYS A 99 15.20 29.96 -2.65
N PRO A 100 14.78 28.78 -3.15
CA PRO A 100 13.80 28.70 -4.24
C PRO A 100 12.67 29.71 -4.12
N VAL A 101 12.06 29.77 -2.94
CA VAL A 101 11.01 30.74 -2.66
C VAL A 101 11.78 31.74 -1.81
N ASP A 102 12.42 32.68 -2.48
CA ASP A 102 13.26 33.69 -1.85
C ASP A 102 12.50 34.72 -1.03
N THR A 103 12.69 34.67 0.28
CA THR A 103 12.03 35.61 1.18
C THR A 103 12.60 37.02 1.02
N ASP A 104 13.70 37.15 0.29
CA ASP A 104 14.30 38.45 0.05
C ASP A 104 13.46 39.13 -1.04
N LEU A 105 12.69 38.33 -1.76
CA LEU A 105 11.85 38.83 -2.84
C LEU A 105 10.36 38.78 -2.52
N TRP A 106 9.94 37.77 -1.76
CA TRP A 106 8.53 37.59 -1.46
C TRP A 106 8.10 37.64 0.00
N HIS A 107 6.84 37.95 0.19
CA HIS A 107 6.22 37.95 1.51
C HIS A 107 5.44 36.64 1.44
N VAL A 108 6.02 35.58 1.97
CA VAL A 108 5.39 34.27 1.94
C VAL A 108 4.41 34.09 3.09
N ILE A 109 3.17 33.76 2.75
CA ILE A 109 2.13 33.54 3.75
C ILE A 109 1.74 32.07 3.67
N CYS A 110 2.00 31.32 4.74
CA CYS A 110 1.62 29.91 4.78
C CYS A 110 0.50 29.76 5.79
N VAL A 111 -0.56 29.06 5.38
CA VAL A 111 -1.69 28.87 6.27
C VAL A 111 -1.94 27.41 6.64
N ASN A 112 -2.44 27.20 7.85
CA ASN A 112 -2.79 25.86 8.32
C ASN A 112 -4.20 25.68 7.76
N SER A 113 -4.43 24.58 7.05
CA SER A 113 -5.74 24.33 6.45
C SER A 113 -6.88 24.26 7.47
N LEU A 114 -8.03 24.79 7.08
CA LEU A 114 -9.21 24.73 7.95
C LEU A 114 -9.46 23.23 8.15
N GLY A 115 -9.84 22.83 9.36
CA GLY A 115 -10.08 21.43 9.63
C GLY A 115 -8.87 20.71 10.20
N SER A 116 -7.72 21.37 10.18
CA SER A 116 -6.49 20.80 10.71
C SER A 116 -6.48 20.93 12.24
N CYS A 117 -5.31 20.72 12.84
CA CYS A 117 -5.16 20.77 14.28
C CYS A 117 -3.87 21.48 14.70
N LYS A 118 -3.37 22.35 13.84
CA LYS A 118 -2.13 23.08 14.10
C LYS A 118 -2.37 24.58 14.31
N GLY A 119 -3.59 24.93 14.74
CA GLY A 119 -3.88 26.34 14.96
C GLY A 119 -5.20 26.76 14.34
N SER A 120 -5.47 26.27 13.14
CA SER A 120 -6.73 26.60 12.47
C SER A 120 -7.84 25.76 13.07
N THR A 121 -9.04 26.31 13.09
CA THR A 121 -10.17 25.61 13.68
C THR A 121 -10.45 24.26 13.03
N GLY A 122 -10.59 23.24 13.87
CA GLY A 122 -10.87 21.88 13.41
C GLY A 122 -11.51 21.07 14.51
N PRO A 123 -11.65 19.75 14.34
CA PRO A 123 -12.26 18.87 15.35
C PRO A 123 -11.69 18.97 16.76
N ALA A 124 -10.40 19.27 16.88
CA ALA A 124 -9.78 19.35 18.20
C ALA A 124 -9.94 20.72 18.85
N SER A 125 -10.45 21.69 18.10
CA SER A 125 -10.65 23.04 18.60
C SER A 125 -11.91 23.13 19.47
N THR A 126 -11.96 24.14 20.32
CA THR A 126 -13.10 24.32 21.20
C THR A 126 -14.28 24.96 20.49
N ASP A 127 -15.45 24.32 20.58
CA ASP A 127 -16.66 24.87 19.98
C ASP A 127 -17.18 25.92 20.95
N PRO A 128 -17.22 27.20 20.53
CA PRO A 128 -17.69 28.26 21.42
C PRO A 128 -19.10 28.05 21.97
N ARG A 129 -19.91 27.27 21.27
CA ARG A 129 -21.28 27.03 21.72
C ARG A 129 -21.34 26.10 22.92
N THR A 130 -20.36 25.22 23.06
CA THR A 130 -20.34 24.25 24.15
C THR A 130 -19.19 24.40 25.12
N GLY A 131 -18.11 25.05 24.69
CA GLY A 131 -16.95 25.19 25.56
C GLY A 131 -16.14 23.91 25.57
N GLU A 132 -16.52 22.96 24.70
CA GLU A 132 -15.84 21.68 24.60
C GLU A 132 -15.34 21.50 23.17
N PRO A 133 -14.39 20.59 22.95
CA PRO A 133 -13.90 20.38 21.58
C PRO A 133 -15.03 19.91 20.67
N TYR A 134 -14.93 20.25 19.38
CA TYR A 134 -15.95 19.82 18.43
C TYR A 134 -16.04 18.32 18.30
N ARG A 135 -14.88 17.68 18.19
CA ARG A 135 -14.83 16.24 17.97
C ARG A 135 -15.62 15.99 16.68
N LEU A 136 -16.49 15.00 16.65
CA LEU A 136 -17.23 14.72 15.43
C LEU A 136 -18.41 15.64 15.16
N SER A 137 -18.57 16.69 15.97
CA SER A 137 -19.66 17.63 15.74
C SER A 137 -19.20 18.72 14.78
N PHE A 138 -17.91 18.70 14.43
CA PHE A 138 -17.38 19.69 13.49
C PHE A 138 -18.07 19.39 12.17
N PRO A 139 -18.50 20.45 11.43
CA PRO A 139 -19.17 20.22 10.15
C PRO A 139 -18.27 19.49 9.17
N GLU A 140 -18.86 18.65 8.31
CA GLU A 140 -18.07 17.93 7.32
C GLU A 140 -17.24 18.94 6.58
N LEU A 141 -15.97 18.63 6.35
CA LEU A 141 -15.03 19.52 5.68
C LEU A 141 -14.85 19.26 4.18
N SER A 142 -14.77 20.34 3.41
CA SER A 142 -14.56 20.25 1.96
C SER A 142 -13.34 21.09 1.57
N ILE A 143 -12.66 20.67 0.51
CA ILE A 143 -11.49 21.39 0.02
C ILE A 143 -11.89 22.84 -0.27
N GLU A 144 -13.11 23.03 -0.75
CA GLU A 144 -13.60 24.37 -1.06
C GLU A 144 -13.63 25.28 0.17
N ASP A 145 -13.91 24.69 1.34
CA ASP A 145 -13.94 25.47 2.58
C ASP A 145 -12.53 25.94 2.93
N ILE A 146 -11.56 25.05 2.74
CA ILE A 146 -10.17 25.38 3.01
C ILE A 146 -9.78 26.55 2.11
N ALA A 147 -10.20 26.48 0.85
CA ALA A 147 -9.89 27.55 -0.09
C ALA A 147 -10.55 28.88 0.33
N ASP A 148 -11.84 28.82 0.67
CA ASP A 148 -12.54 30.04 1.08
C ASP A 148 -11.89 30.66 2.32
N ALA A 149 -11.50 29.82 3.27
CA ALA A 149 -10.88 30.33 4.50
C ALA A 149 -9.53 30.97 4.20
N ALA A 150 -8.77 30.38 3.28
CA ALA A 150 -7.48 30.93 2.91
C ALA A 150 -7.65 32.26 2.18
N ALA A 151 -8.70 32.34 1.36
CA ALA A 151 -8.98 33.56 0.61
C ALA A 151 -9.32 34.69 1.59
N HIS A 152 -10.10 34.38 2.61
CA HIS A 152 -10.47 35.38 3.60
C HIS A 152 -9.22 35.87 4.32
N THR A 153 -8.33 34.92 4.63
CA THR A 153 -7.09 35.24 5.33
C THR A 153 -6.25 36.22 4.55
N VAL A 154 -6.08 35.96 3.25
CA VAL A 154 -5.28 36.83 2.40
C VAL A 154 -5.90 38.24 2.36
N ARG A 155 -7.21 38.31 2.16
CA ARG A 155 -7.87 39.60 2.11
C ARG A 155 -7.86 40.33 3.44
N ALA A 156 -7.93 39.60 4.54
CA ALA A 156 -7.90 40.21 5.86
C ALA A 156 -6.54 40.86 6.09
N LEU A 157 -5.53 40.36 5.38
CA LEU A 157 -4.18 40.91 5.50
C LEU A 157 -3.96 42.07 4.51
N GLY A 158 -5.05 42.61 3.99
CA GLY A 158 -4.97 43.72 3.07
C GLY A 158 -4.33 43.47 1.71
N ILE A 159 -4.38 42.23 1.27
CA ILE A 159 -3.81 41.86 -0.02
C ILE A 159 -4.93 41.55 -1.01
N SER A 160 -4.99 42.31 -2.11
CA SER A 160 -6.04 42.11 -3.10
C SER A 160 -5.65 41.15 -4.21
N ARG A 161 -4.35 41.01 -4.46
CA ARG A 161 -3.88 40.09 -5.49
C ARG A 161 -2.50 39.51 -5.19
N LEU A 162 -2.47 38.20 -4.99
CA LEU A 162 -1.23 37.48 -4.71
C LEU A 162 -0.36 37.42 -5.95
N ALA A 163 0.95 37.51 -5.77
CA ALA A 163 1.87 37.41 -6.90
C ALA A 163 1.84 35.94 -7.34
N CYS A 164 1.57 35.05 -6.38
CA CYS A 164 1.51 33.62 -6.67
C CYS A 164 0.88 32.82 -5.54
N VAL A 165 0.20 31.73 -5.91
CA VAL A 165 -0.38 30.84 -4.93
C VAL A 165 0.28 29.48 -5.19
N VAL A 166 0.91 28.93 -4.17
CA VAL A 166 1.61 27.65 -4.27
C VAL A 166 0.80 26.59 -3.53
N GLY A 167 0.62 25.43 -4.17
CA GLY A 167 -0.13 24.36 -3.54
C GLY A 167 0.55 23.03 -3.81
N ALA A 168 0.71 22.22 -2.78
CA ALA A 168 1.35 20.91 -2.92
C ALA A 168 0.47 19.81 -2.35
N SER A 169 0.34 18.71 -3.08
CA SER A 169 -0.46 17.57 -2.63
C SER A 169 -1.89 18.05 -2.35
N MET A 170 -2.38 17.83 -1.13
CA MET A 170 -3.72 18.27 -0.78
C MET A 170 -3.83 19.76 -1.07
N GLY A 171 -2.74 20.48 -0.84
CA GLY A 171 -2.71 21.91 -1.07
C GLY A 171 -2.90 22.24 -2.54
N GLY A 172 -2.56 21.28 -3.39
CA GLY A 172 -2.73 21.47 -4.82
C GLY A 172 -4.21 21.55 -5.12
N MET A 173 -5.00 20.72 -4.43
CA MET A 173 -6.44 20.72 -4.61
C MET A 173 -6.99 22.03 -4.06
N SER A 174 -6.57 22.38 -2.85
CA SER A 174 -7.02 23.61 -2.21
C SER A 174 -6.74 24.84 -3.06
N ALA A 175 -5.56 24.87 -3.67
CA ALA A 175 -5.15 25.99 -4.52
C ALA A 175 -6.03 26.12 -5.76
N LEU A 176 -6.37 24.99 -6.37
CA LEU A 176 -7.23 25.01 -7.55
C LEU A 176 -8.63 25.50 -7.17
N ALA A 177 -9.11 25.06 -6.01
CA ALA A 177 -10.42 25.48 -5.54
C ALA A 177 -10.40 26.98 -5.32
N LEU A 178 -9.28 27.50 -4.82
CA LEU A 178 -9.15 28.93 -4.57
C LEU A 178 -9.14 29.70 -5.89
N LEU A 179 -8.40 29.18 -6.86
CA LEU A 179 -8.32 29.85 -8.17
C LEU A 179 -9.68 29.86 -8.87
N ALA A 180 -10.47 28.83 -8.63
CA ALA A 180 -11.79 28.73 -9.25
C ALA A 180 -12.85 29.62 -8.59
N ARG A 181 -12.83 29.67 -7.25
CA ARG A 181 -13.81 30.44 -6.50
C ARG A 181 -13.45 31.90 -6.22
N HIS A 182 -12.17 32.23 -6.34
CA HIS A 182 -11.68 33.58 -6.09
C HIS A 182 -10.64 33.93 -7.16
N PRO A 183 -11.06 33.93 -8.43
CA PRO A 183 -10.20 34.22 -9.59
C PRO A 183 -9.37 35.50 -9.64
N GLU A 184 -9.76 36.56 -8.95
CA GLU A 184 -8.96 37.77 -9.01
C GLU A 184 -7.92 37.85 -7.90
N LEU A 185 -7.81 36.78 -7.10
CA LEU A 185 -6.89 36.78 -5.98
C LEU A 185 -5.44 36.33 -6.25
N ALA A 186 -5.18 35.71 -7.39
CA ALA A 186 -3.81 35.26 -7.69
C ALA A 186 -3.40 35.46 -9.14
N ARG A 187 -2.21 36.01 -9.32
CA ARG A 187 -1.66 36.28 -10.65
C ARG A 187 -1.03 35.04 -11.27
N THR A 188 -0.30 34.27 -10.47
CA THR A 188 0.34 33.06 -10.97
C THR A 188 0.09 31.89 -10.02
N HIS A 189 0.46 30.70 -10.44
CA HIS A 189 0.24 29.49 -9.65
C HIS A 189 1.35 28.45 -9.82
N ILE A 190 1.76 27.85 -8.71
CA ILE A 190 2.76 26.79 -8.73
C ILE A 190 2.00 25.61 -8.15
N SER A 191 1.83 24.57 -8.96
CA SER A 191 1.11 23.36 -8.57
C SER A 191 2.11 22.22 -8.46
N LEU A 192 2.26 21.66 -7.27
CA LEU A 192 3.20 20.56 -7.04
C LEU A 192 2.47 19.28 -6.64
N SER A 193 2.55 18.27 -7.50
CA SER A 193 1.91 16.98 -7.25
C SER A 193 0.48 17.10 -6.76
N GLY A 194 -0.32 17.86 -7.51
CA GLY A 194 -1.71 18.04 -7.17
C GLY A 194 -2.62 17.31 -8.14
N ALA A 195 -3.93 17.52 -8.01
CA ALA A 195 -4.91 16.87 -8.88
C ALA A 195 -6.25 17.59 -8.82
N VAL A 196 -7.08 17.39 -9.83
CA VAL A 196 -8.39 18.03 -9.85
C VAL A 196 -9.38 17.22 -9.03
N HIS A 197 -9.01 15.98 -8.75
CA HIS A 197 -9.81 15.07 -7.95
C HIS A 197 -8.99 13.82 -7.74
N ALA A 198 -9.33 13.04 -6.72
CA ALA A 198 -8.60 11.82 -6.40
C ALA A 198 -8.98 10.61 -7.22
N LEU A 199 -7.98 9.81 -7.55
CA LEU A 199 -8.20 8.58 -8.30
C LEU A 199 -8.37 7.44 -7.28
N PRO A 200 -9.01 6.34 -7.68
CA PRO A 200 -9.29 5.14 -6.88
C PRO A 200 -8.22 4.61 -5.95
N PHE A 201 -6.98 4.51 -6.44
CA PHE A 201 -5.93 3.97 -5.59
C PHE A 201 -5.74 4.83 -4.34
N SER A 202 -5.61 6.15 -4.54
CA SER A 202 -5.42 7.06 -3.41
C SER A 202 -6.62 7.03 -2.46
N ILE A 203 -7.82 6.86 -3.03
CA ILE A 203 -9.02 6.80 -2.21
C ILE A 203 -8.99 5.54 -1.34
N ALA A 204 -8.57 4.43 -1.94
CA ALA A 204 -8.49 3.17 -1.22
C ALA A 204 -7.47 3.28 -0.09
N VAL A 205 -6.32 3.88 -0.38
CA VAL A 205 -5.27 4.02 0.62
C VAL A 205 -5.77 4.86 1.78
N ARG A 206 -6.36 6.01 1.50
CA ARG A 206 -6.86 6.87 2.57
C ARG A 206 -8.00 6.19 3.33
N SER A 207 -8.78 5.37 2.63
CA SER A 207 -9.87 4.66 3.28
C SER A 207 -9.28 3.71 4.33
N LEU A 208 -8.19 3.04 3.98
CA LEU A 208 -7.53 2.12 4.92
C LEU A 208 -6.90 2.88 6.09
N GLN A 209 -6.32 4.03 5.79
CA GLN A 209 -5.69 4.85 6.82
C GLN A 209 -6.74 5.27 7.84
N ARG A 210 -7.90 5.72 7.34
CA ARG A 210 -8.98 6.12 8.24
C ARG A 210 -9.47 4.90 9.02
N GLU A 211 -9.47 3.74 8.36
CA GLU A 211 -9.91 2.49 8.98
C GLU A 211 -9.01 2.08 10.14
N ALA A 212 -7.71 2.30 10.00
CA ALA A 212 -6.76 1.95 11.04
C ALA A 212 -7.03 2.74 12.30
N ILE A 213 -7.52 3.98 12.13
CA ILE A 213 -7.84 4.86 13.24
C ILE A 213 -9.17 4.48 13.87
N ARG A 214 -10.21 4.33 13.05
CA ARG A 214 -11.53 3.98 13.56
C ARG A 214 -11.60 2.57 14.13
N SER A 215 -10.69 1.70 13.71
CA SER A 215 -10.68 0.32 14.20
C SER A 215 -9.97 0.20 15.54
N ASP A 216 -9.24 1.25 15.90
CA ASP A 216 -8.50 1.27 17.16
C ASP A 216 -9.49 1.51 18.30
N PRO A 217 -9.53 0.58 19.26
CA PRO A 217 -10.44 0.68 20.40
C PRO A 217 -10.31 1.98 21.20
N GLY A 218 -9.18 2.67 21.02
CA GLY A 218 -8.97 3.91 21.73
C GLY A 218 -9.63 5.11 21.09
N TRP A 219 -10.28 4.91 19.94
CA TRP A 219 -10.94 6.02 19.25
C TRP A 219 -12.23 6.47 19.94
N LEU A 220 -12.97 5.52 20.50
CA LEU A 220 -14.21 5.83 21.19
C LEU A 220 -15.14 6.75 20.41
N GLN A 221 -15.40 6.40 19.15
CA GLN A 221 -16.29 7.21 18.31
C GLN A 221 -15.88 8.68 18.29
N GLY A 222 -14.59 8.93 18.40
CA GLY A 222 -14.10 10.30 18.38
C GLY A 222 -14.10 11.03 19.71
N HIS A 223 -14.50 10.34 20.77
CA HIS A 223 -14.53 10.95 22.10
C HIS A 223 -13.36 10.56 22.99
N TYR A 224 -12.22 10.28 22.38
CA TYR A 224 -11.03 9.93 23.13
C TYR A 224 -10.59 11.18 23.91
N ASP A 225 -9.96 10.98 25.06
CA ASP A 225 -9.52 12.12 25.85
C ASP A 225 -8.00 12.17 25.93
N GLU A 226 -7.50 13.05 26.78
CA GLU A 226 -6.06 13.21 26.97
C GLU A 226 -5.42 11.83 27.12
N GLY A 227 -4.21 11.68 26.63
CA GLY A 227 -3.52 10.40 26.74
C GLY A 227 -3.78 9.45 25.60
N GLU A 228 -2.70 9.06 24.93
CA GLU A 228 -2.71 8.13 23.81
C GLU A 228 -3.91 8.17 22.85
N GLY A 229 -5.05 7.64 23.27
CA GLY A 229 -6.20 7.60 22.41
C GLY A 229 -5.95 6.51 21.37
N PRO A 230 -6.38 6.68 20.11
CA PRO A 230 -6.13 5.64 19.11
C PRO A 230 -4.71 5.78 18.52
N ARG A 231 -3.72 5.79 19.41
CA ARG A 231 -2.34 5.96 18.99
C ARG A 231 -1.86 4.88 18.02
N ARG A 232 -2.11 3.63 18.36
CA ARG A 232 -1.69 2.52 17.51
C ARG A 232 -2.26 2.70 16.11
N GLY A 233 -3.52 3.09 16.05
CA GLY A 233 -4.19 3.30 14.77
C GLY A 233 -3.54 4.43 13.99
N MET A 234 -3.18 5.50 14.69
CA MET A 234 -2.53 6.64 14.03
C MET A 234 -1.18 6.23 13.48
N LEU A 235 -0.47 5.36 14.21
CA LEU A 235 0.83 4.88 13.77
C LEU A 235 0.68 4.11 12.46
N THR A 236 -0.30 3.22 12.43
CA THR A 236 -0.56 2.42 11.24
C THR A 236 -0.94 3.30 10.05
N ALA A 237 -1.75 4.32 10.31
CA ALA A 237 -2.17 5.24 9.25
C ALA A 237 -0.94 5.88 8.59
N ARG A 238 -0.02 6.36 9.42
CA ARG A 238 1.18 7.00 8.93
C ARG A 238 2.10 6.03 8.21
N LYS A 239 2.22 4.81 8.74
CA LYS A 239 3.07 3.82 8.10
C LYS A 239 2.55 3.51 6.70
N LEU A 240 1.25 3.28 6.58
CA LEU A 240 0.65 2.98 5.29
C LEU A 240 0.91 4.14 4.34
N GLY A 241 0.85 5.36 4.87
CA GLY A 241 1.10 6.52 4.05
C GLY A 241 2.53 6.54 3.56
N MET A 242 3.48 6.38 4.48
CA MET A 242 4.89 6.40 4.12
C MET A 242 5.20 5.34 3.06
N MET A 243 4.55 4.19 3.19
CA MET A 243 4.77 3.09 2.23
C MET A 243 4.22 3.40 0.85
N THR A 244 3.39 4.42 0.73
CA THR A 244 2.81 4.78 -0.56
C THR A 244 3.30 6.14 -1.06
N TYR A 245 3.86 6.96 -0.17
CA TYR A 245 4.36 8.27 -0.56
C TYR A 245 5.67 8.17 -1.32
N ARG A 246 6.32 7.01 -1.23
CA ARG A 246 7.58 6.79 -1.92
C ARG A 246 7.58 5.49 -2.71
N SER A 247 8.42 5.43 -3.75
CA SER A 247 8.53 4.27 -4.60
C SER A 247 8.89 2.99 -3.83
N ALA A 248 8.17 1.92 -4.13
CA ALA A 248 8.43 0.64 -3.48
C ALA A 248 9.86 0.22 -3.81
N GLN A 249 10.31 0.58 -5.01
CA GLN A 249 11.66 0.26 -5.45
C GLN A 249 12.69 0.99 -4.59
N GLU A 250 12.41 2.25 -4.26
CA GLU A 250 13.31 3.03 -3.44
C GLU A 250 13.43 2.41 -2.05
N TRP A 251 12.34 1.84 -1.56
CA TRP A 251 12.34 1.20 -0.25
C TRP A 251 13.31 0.03 -0.18
N ASP A 252 13.18 -0.90 -1.12
CA ASP A 252 14.02 -2.08 -1.17
C ASP A 252 15.52 -1.79 -1.23
N CYS A 253 15.88 -0.67 -1.82
CA CYS A 253 17.30 -0.31 -1.95
C CYS A 253 17.78 0.65 -0.86
N ARG A 254 17.14 0.62 0.31
CA ARG A 254 17.56 1.51 1.39
C ARG A 254 17.77 0.83 2.74
N PHE A 255 17.09 -0.28 2.98
CA PHE A 255 17.25 -0.99 4.25
C PHE A 255 17.66 -2.45 4.08
N GLY A 256 17.41 -3.00 2.91
CA GLY A 256 17.75 -4.39 2.68
C GLY A 256 17.03 -5.24 3.72
N ARG A 257 17.58 -6.41 4.02
CA ARG A 257 16.98 -7.32 4.98
C ARG A 257 17.63 -7.21 6.37
N THR A 258 18.29 -6.08 6.63
CA THR A 258 18.94 -5.89 7.91
C THR A 258 17.91 -5.94 9.03
N ARG A 259 18.26 -6.64 10.12
CA ARG A 259 17.36 -6.73 11.27
C ARG A 259 17.50 -5.48 12.13
N ILE A 260 16.60 -5.32 13.09
CA ILE A 260 16.65 -4.18 13.98
C ILE A 260 17.94 -4.27 14.79
N GLY A 261 18.60 -3.13 14.98
CA GLY A 261 19.84 -3.12 15.72
C GLY A 261 19.74 -3.35 17.22
N GLU A 262 18.71 -2.81 17.84
CA GLU A 262 18.53 -2.96 19.29
C GLU A 262 17.87 -4.29 19.65
N ARG A 263 18.48 -5.01 20.58
CA ARG A 263 17.96 -6.29 21.04
C ARG A 263 16.82 -6.11 22.03
N ARG A 270 4.79 -12.32 20.52
CA ARG A 270 4.87 -13.20 19.32
C ARG A 270 4.54 -12.42 18.05
N PHE A 271 5.31 -12.70 16.99
CA PHE A 271 5.14 -12.05 15.69
C PHE A 271 5.33 -10.53 15.75
N GLY A 272 6.33 -10.09 16.51
CA GLY A 272 6.61 -8.68 16.61
C GLY A 272 7.55 -8.23 15.50
N PRO A 273 7.98 -6.96 15.51
CA PRO A 273 8.88 -6.43 14.47
C PRO A 273 10.27 -7.07 14.55
N GLU A 274 10.94 -7.17 13.42
CA GLU A 274 12.27 -7.76 13.39
C GLU A 274 13.22 -7.07 12.41
N PHE A 275 12.67 -6.47 11.37
CA PHE A 275 13.50 -5.80 10.37
C PHE A 275 13.63 -4.31 10.56
N GLU A 276 14.80 -3.79 10.19
CA GLU A 276 15.09 -2.38 10.32
C GLU A 276 14.04 -1.51 9.62
N VAL A 277 13.56 -1.98 8.47
CA VAL A 277 12.55 -1.21 7.75
C VAL A 277 11.33 -0.99 8.65
N GLU A 278 11.02 -1.97 9.49
CA GLU A 278 9.89 -1.87 10.40
C GLU A 278 10.16 -0.83 11.49
N SER A 279 11.38 -0.86 12.03
CA SER A 279 11.75 0.08 13.08
C SER A 279 11.76 1.51 12.55
N TYR A 280 12.20 1.67 11.31
CA TYR A 280 12.25 2.97 10.67
C TYR A 280 10.83 3.53 10.55
N LEU A 281 9.91 2.69 10.06
CA LEU A 281 8.52 3.11 9.90
C LEU A 281 7.90 3.49 11.24
N ASP A 282 8.16 2.69 12.26
CA ASP A 282 7.60 2.97 13.58
C ASP A 282 8.15 4.26 14.17
N PHE A 283 9.44 4.51 13.97
CA PHE A 283 10.07 5.71 14.48
C PHE A 283 9.39 6.97 13.97
N HIS A 284 9.28 7.07 12.64
CA HIS A 284 8.65 8.23 12.01
C HIS A 284 7.15 8.30 12.25
N ALA A 285 6.50 7.15 12.31
CA ALA A 285 5.06 7.11 12.53
C ALA A 285 4.71 7.69 13.90
N GLN A 286 5.53 7.37 14.90
CA GLN A 286 5.30 7.88 16.25
C GLN A 286 5.40 9.39 16.31
N ARG A 287 6.34 9.96 15.58
CA ARG A 287 6.53 11.40 15.55
C ARG A 287 5.25 12.06 15.04
N PHE A 288 4.59 11.41 14.09
CA PHE A 288 3.34 11.92 13.52
C PHE A 288 2.19 11.79 14.53
N ALA A 289 2.06 10.60 15.11
CA ALA A 289 1.00 10.33 16.08
C ALA A 289 1.09 11.26 17.29
N ASP A 290 2.29 11.72 17.62
CA ASP A 290 2.47 12.61 18.76
C ASP A 290 2.08 14.05 18.49
N ARG A 291 1.90 14.40 17.22
CA ARG A 291 1.57 15.78 16.88
C ARG A 291 0.40 15.95 15.93
N PHE A 292 -0.56 15.03 15.96
CA PHE A 292 -1.73 15.14 15.10
C PHE A 292 -2.97 14.57 15.78
N ASP A 293 -4.09 15.27 15.61
CA ASP A 293 -5.36 14.85 16.19
C ASP A 293 -6.05 13.84 15.28
N PRO A 294 -6.43 12.68 15.82
CA PRO A 294 -7.10 11.66 14.99
C PRO A 294 -8.32 12.15 14.22
N ASN A 295 -9.24 12.84 14.90
CA ASN A 295 -10.45 13.32 14.22
C ASN A 295 -10.12 14.30 13.11
N SER A 296 -9.18 15.20 13.36
CA SER A 296 -8.77 16.17 12.35
C SER A 296 -8.25 15.42 11.13
N TYR A 297 -7.49 14.36 11.37
CA TYR A 297 -6.95 13.56 10.30
C TYR A 297 -8.08 12.98 9.46
N LEU A 298 -9.11 12.43 10.12
CA LEU A 298 -10.24 11.84 9.41
C LEU A 298 -10.94 12.85 8.52
N TYR A 299 -11.18 14.05 9.05
CA TYR A 299 -11.86 15.08 8.29
C TYR A 299 -11.07 15.52 7.06
N LEU A 300 -9.78 15.76 7.23
CA LEU A 300 -8.94 16.20 6.12
C LEU A 300 -8.85 15.11 5.05
N SER A 301 -8.66 13.87 5.50
CA SER A 301 -8.54 12.72 4.61
C SER A 301 -9.80 12.56 3.76
N HIS A 302 -10.95 12.63 4.41
CA HIS A 302 -12.24 12.51 3.73
C HIS A 302 -12.41 13.63 2.71
N ALA A 303 -12.00 14.84 3.08
CA ALA A 303 -12.12 15.99 2.20
C ALA A 303 -11.38 15.74 0.88
N MET A 304 -10.22 15.11 0.97
CA MET A 304 -9.43 14.82 -0.22
C MET A 304 -10.15 13.90 -1.21
N ASP A 305 -10.92 12.95 -0.69
CA ASP A 305 -11.67 12.00 -1.51
C ASP A 305 -12.89 12.63 -2.17
N GLN A 306 -13.49 13.60 -1.48
CA GLN A 306 -14.71 14.23 -1.96
C GLN A 306 -14.58 15.35 -2.98
N PHE A 307 -13.41 15.98 -3.03
CA PHE A 307 -13.18 17.09 -3.94
C PHE A 307 -13.18 16.72 -5.43
N ASP A 308 -13.82 17.58 -6.22
CA ASP A 308 -13.85 17.40 -7.67
C ASP A 308 -14.00 18.79 -8.27
N LEU A 309 -12.91 19.32 -8.79
CA LEU A 309 -12.89 20.65 -9.39
C LEU A 309 -13.96 20.81 -10.47
N GLY A 310 -14.37 19.71 -11.08
CA GLY A 310 -15.37 19.78 -12.13
C GLY A 310 -16.75 20.26 -11.71
N ASP A 311 -17.12 20.01 -10.45
CA ASP A 311 -18.43 20.42 -9.94
C ASP A 311 -18.64 21.93 -9.82
N GLY A 312 -17.55 22.69 -9.92
CA GLY A 312 -17.66 24.14 -9.80
C GLY A 312 -18.07 24.88 -11.06
N GLY A 313 -18.39 26.16 -10.89
CA GLY A 313 -18.79 27.00 -12.01
C GLY A 313 -19.78 26.39 -12.97
N GLY A 314 -20.97 26.05 -12.47
CA GLY A 314 -21.97 25.47 -13.34
C GLY A 314 -21.63 24.07 -13.79
N GLY A 315 -20.34 23.72 -13.71
CA GLY A 315 -19.90 22.39 -14.11
C GLY A 315 -19.64 22.24 -15.60
N GLY A 316 -19.71 23.34 -16.34
CA GLY A 316 -19.47 23.30 -17.77
C GLY A 316 -18.09 22.79 -18.14
N GLY A 317 -18.05 21.73 -18.96
CA GLY A 317 -16.78 21.17 -19.39
C GLY A 317 -16.03 20.38 -18.33
N GLY A 318 -16.72 20.02 -17.26
CA GLY A 318 -16.08 19.25 -16.20
C GLY A 318 -14.83 19.95 -15.66
N ALA A 319 -13.87 19.14 -15.21
CA ALA A 319 -12.62 19.67 -14.66
C ALA A 319 -11.85 20.53 -15.67
N PRO A 320 -11.67 20.03 -16.90
CA PRO A 320 -10.94 20.81 -17.90
C PRO A 320 -11.56 22.21 -18.10
N GLY A 321 -12.89 22.26 -18.06
CA GLY A 321 -13.57 23.54 -18.22
C GLY A 321 -13.24 24.49 -17.09
N ALA A 322 -13.32 24.00 -15.86
CA ALA A 322 -13.02 24.82 -14.70
C ALA A 322 -11.60 25.37 -14.78
N LEU A 323 -10.65 24.54 -15.20
CA LEU A 323 -9.27 24.96 -15.32
C LEU A 323 -9.11 26.07 -16.36
N SER A 324 -9.80 25.93 -17.48
CA SER A 324 -9.72 26.92 -18.54
C SER A 324 -10.34 28.26 -18.12
N ARG A 325 -11.33 28.21 -17.23
CA ARG A 325 -11.98 29.44 -16.78
C ARG A 325 -11.17 30.22 -15.74
N MET A 326 -10.13 29.60 -15.21
CA MET A 326 -9.30 30.29 -14.21
C MET A 326 -8.57 31.47 -14.84
N ARG A 327 -8.24 32.47 -14.03
CA ARG A 327 -7.60 33.69 -14.53
C ARG A 327 -6.10 33.85 -14.33
N VAL A 328 -5.40 32.79 -13.97
CA VAL A 328 -3.96 32.91 -13.76
C VAL A 328 -3.24 33.17 -15.09
N GLU A 329 -2.22 34.02 -15.04
CA GLU A 329 -1.46 34.39 -16.24
C GLU A 329 -0.33 33.42 -16.54
N ARG A 330 0.32 32.92 -15.49
CA ARG A 330 1.43 31.99 -15.64
C ARG A 330 1.31 30.90 -14.58
N ALA A 331 1.86 29.72 -14.87
CA ALA A 331 1.81 28.63 -13.91
C ALA A 331 2.96 27.65 -14.12
N LEU A 332 3.41 27.07 -13.02
CA LEU A 332 4.46 26.06 -13.05
C LEU A 332 3.76 24.84 -12.48
N VAL A 333 3.76 23.75 -13.24
CA VAL A 333 3.10 22.53 -12.80
C VAL A 333 4.13 21.40 -12.80
N MET A 334 4.37 20.82 -11.63
CA MET A 334 5.36 19.75 -11.49
C MET A 334 4.77 18.50 -10.85
N GLY A 335 5.37 17.36 -11.17
CA GLY A 335 4.92 16.10 -10.61
C GLY A 335 6.09 15.13 -10.62
N ALA A 336 5.97 14.06 -9.84
CA ALA A 336 7.02 13.05 -9.78
C ALA A 336 6.61 11.85 -10.63
N ARG A 337 7.52 11.36 -11.45
CA ARG A 337 7.23 10.22 -12.32
C ARG A 337 6.82 8.97 -11.53
N THR A 338 7.34 8.82 -10.32
CA THR A 338 7.04 7.66 -9.49
C THR A 338 5.89 7.83 -8.51
N ASP A 339 5.18 8.94 -8.61
CA ASP A 339 4.05 9.22 -7.73
C ASP A 339 2.88 8.30 -8.09
N ILE A 340 2.41 7.50 -7.14
CA ILE A 340 1.30 6.60 -7.39
C ILE A 340 -0.01 7.06 -6.75
N LEU A 341 0.07 8.08 -5.91
CA LEU A 341 -1.12 8.63 -5.25
C LEU A 341 -1.75 9.66 -6.17
N PHE A 342 -0.93 10.61 -6.62
CA PHE A 342 -1.35 11.66 -7.55
C PHE A 342 -0.47 11.42 -8.77
N PRO A 343 -0.82 10.43 -9.60
CA PRO A 343 -0.03 10.12 -10.79
C PRO A 343 0.25 11.32 -11.70
N LEU A 344 1.40 11.26 -12.39
CA LEU A 344 1.82 12.34 -13.28
C LEU A 344 0.74 12.79 -14.24
N SER A 345 -0.08 11.85 -14.73
CA SER A 345 -1.15 12.16 -15.66
C SER A 345 -2.07 13.25 -15.10
N GLN A 346 -2.21 13.27 -13.77
CA GLN A 346 -3.06 14.26 -13.13
C GLN A 346 -2.43 15.65 -13.15
N GLN A 347 -1.11 15.72 -13.11
CA GLN A 347 -0.44 17.01 -13.17
C GLN A 347 -0.46 17.49 -14.62
N GLN A 348 -0.37 16.55 -15.56
CA GLN A 348 -0.41 16.91 -16.97
C GLN A 348 -1.79 17.49 -17.27
N GLU A 349 -2.80 16.94 -16.61
CA GLU A 349 -4.18 17.39 -16.79
C GLU A 349 -4.31 18.84 -16.33
N ILE A 350 -3.72 19.15 -15.18
CA ILE A 350 -3.76 20.50 -14.64
C ILE A 350 -3.08 21.47 -15.60
N ALA A 351 -1.91 21.09 -16.08
CA ALA A 351 -1.16 21.93 -17.01
C ALA A 351 -1.94 22.19 -18.30
N ASP A 352 -2.52 21.14 -18.88
CA ASP A 352 -3.28 21.26 -20.12
C ASP A 352 -4.51 22.14 -19.95
N GLY A 353 -5.23 21.96 -18.86
CA GLY A 353 -6.42 22.75 -18.61
C GLY A 353 -6.10 24.22 -18.44
N LEU A 354 -5.07 24.52 -17.66
CA LEU A 354 -4.67 25.91 -17.43
C LEU A 354 -4.19 26.53 -18.73
N SER A 355 -3.37 25.77 -19.47
CA SER A 355 -2.84 26.25 -20.75
C SER A 355 -3.96 26.49 -21.77
N ALA A 356 -4.94 25.61 -21.79
CA ALA A 356 -6.05 25.74 -22.74
C ALA A 356 -6.85 27.00 -22.45
N GLY A 357 -6.75 27.49 -21.22
CA GLY A 357 -7.46 28.69 -20.82
C GLY A 357 -6.67 29.96 -21.00
N GLY A 358 -5.48 29.86 -21.59
CA GLY A 358 -4.67 31.04 -21.82
C GLY A 358 -3.46 31.23 -20.93
N ALA A 359 -3.36 30.49 -19.83
CA ALA A 359 -2.21 30.66 -18.96
C ALA A 359 -0.93 30.17 -19.64
N ASP A 360 0.17 30.87 -19.38
CA ASP A 360 1.47 30.49 -19.93
C ASP A 360 2.00 29.45 -18.96
N VAL A 361 1.83 28.17 -19.31
CA VAL A 361 2.22 27.09 -18.43
C VAL A 361 3.54 26.37 -18.70
N SER A 362 4.24 26.05 -17.63
CA SER A 362 5.50 25.31 -17.69
C SER A 362 5.21 23.99 -16.96
N PHE A 363 5.25 22.89 -17.71
CA PHE A 363 5.00 21.58 -17.12
C PHE A 363 6.32 20.83 -17.04
N LEU A 364 6.65 20.33 -15.85
CA LEU A 364 7.90 19.61 -15.66
C LEU A 364 7.78 18.30 -14.90
N PRO A 365 7.90 17.17 -15.62
CA PRO A 365 7.82 15.86 -14.95
C PRO A 365 9.18 15.66 -14.31
N VAL A 366 9.22 15.38 -13.02
CA VAL A 366 10.49 15.18 -12.34
C VAL A 366 10.86 13.71 -12.25
N ASP A 367 12.06 13.38 -12.70
CA ASP A 367 12.51 12.00 -12.64
C ASP A 367 13.16 11.81 -11.27
N THR A 368 12.35 11.38 -10.31
CA THR A 368 12.80 11.17 -8.95
C THR A 368 12.19 9.88 -8.41
N PRO A 369 12.89 9.21 -7.48
CA PRO A 369 12.37 7.97 -6.90
C PRO A 369 11.56 8.23 -5.65
N ALA A 370 11.56 9.49 -5.21
CA ALA A 370 10.85 9.91 -4.00
C ALA A 370 9.33 9.90 -4.07
N GLY A 371 8.78 9.59 -5.24
CA GLY A 371 7.33 9.55 -5.37
C GLY A 371 6.61 10.81 -4.91
N HIS A 372 5.44 10.64 -4.31
CA HIS A 372 4.64 11.76 -3.85
C HIS A 372 5.34 12.73 -2.90
N ASP A 373 6.24 12.22 -2.05
CA ASP A 373 6.96 13.08 -1.11
C ASP A 373 8.12 13.85 -1.75
N ALA A 374 8.27 13.74 -3.06
CA ALA A 374 9.37 14.44 -3.74
C ALA A 374 9.42 15.95 -3.48
N PHE A 375 8.27 16.61 -3.50
CA PHE A 375 8.26 18.05 -3.28
C PHE A 375 8.77 18.41 -1.89
N LEU A 376 8.86 17.41 -1.02
CA LEU A 376 9.34 17.60 0.35
C LEU A 376 10.78 17.14 0.59
N VAL A 377 11.13 16.00 -0.01
CA VAL A 377 12.46 15.43 0.20
C VAL A 377 13.47 15.53 -0.94
N ASP A 378 13.02 15.97 -2.12
CA ASP A 378 13.95 16.09 -3.25
C ASP A 378 14.00 17.53 -3.73
N ILE A 379 14.36 18.44 -2.83
CA ILE A 379 14.45 19.86 -3.17
C ILE A 379 15.53 20.08 -4.22
N GLU A 380 16.41 19.10 -4.36
CA GLU A 380 17.49 19.19 -5.35
C GLU A 380 16.93 19.29 -6.76
N ARG A 381 15.81 18.62 -7.01
CA ARG A 381 15.18 18.64 -8.32
C ARG A 381 13.97 19.56 -8.40
N PHE A 382 13.34 19.83 -7.26
CA PHE A 382 12.16 20.69 -7.23
C PHE A 382 12.50 22.16 -7.01
N GLY A 383 13.64 22.41 -6.36
CA GLY A 383 14.04 23.78 -6.08
C GLY A 383 14.42 24.64 -7.28
N PRO A 384 15.33 24.18 -8.15
CA PRO A 384 15.71 24.99 -9.30
C PRO A 384 14.55 25.48 -10.18
N PRO A 385 13.62 24.57 -10.55
CA PRO A 385 12.48 24.99 -11.38
C PRO A 385 11.63 26.07 -10.71
N VAL A 386 11.37 25.90 -9.42
CA VAL A 386 10.56 26.87 -8.69
C VAL A 386 11.28 28.22 -8.65
N ALA A 387 12.59 28.18 -8.39
CA ALA A 387 13.39 29.40 -8.34
C ALA A 387 13.37 30.12 -9.69
N LYS A 388 13.46 29.36 -10.76
CA LYS A 388 13.47 29.94 -12.10
C LYS A 388 12.13 30.58 -12.46
N PHE A 389 11.04 29.90 -12.12
CA PHE A 389 9.71 30.41 -12.41
C PHE A 389 9.45 31.71 -11.66
N LEU A 390 9.71 31.71 -10.35
CA LEU A 390 9.49 32.90 -9.54
C LEU A 390 10.40 34.05 -9.95
N ALA A 391 11.56 33.73 -10.51
CA ALA A 391 12.49 34.76 -10.94
C ALA A 391 11.84 35.52 -12.09
N ILE A 392 11.07 34.80 -12.90
CA ILE A 392 10.37 35.38 -14.04
C ILE A 392 9.16 36.18 -13.57
N VAL A 393 8.51 35.70 -12.52
CA VAL A 393 7.34 36.38 -11.98
C VAL A 393 7.74 37.67 -11.26
N ALA A 394 8.94 37.66 -10.69
CA ALA A 394 9.44 38.81 -9.94
C ALA A 394 9.44 40.09 -10.78
N MET B 21 -14.57 -23.95 13.76
CA MET B 21 -13.88 -24.87 12.82
C MET B 21 -12.45 -24.43 12.56
N ARG B 22 -12.30 -23.21 12.06
CA ARG B 22 -10.99 -22.64 11.76
C ARG B 22 -10.22 -23.34 10.64
N GLU B 23 -10.77 -24.42 10.12
CA GLU B 23 -10.13 -25.15 9.03
C GLU B 23 -11.15 -25.28 7.91
N PHE B 24 -10.71 -24.97 6.70
CA PHE B 24 -11.58 -25.00 5.53
C PHE B 24 -11.05 -25.99 4.52
N ILE B 25 -11.49 -27.24 4.69
CA ILE B 25 -11.04 -28.36 3.87
C ILE B 25 -11.91 -28.72 2.67
N PRO B 26 -11.32 -28.67 1.45
CA PRO B 26 -12.08 -29.01 0.24
C PRO B 26 -12.63 -30.42 0.40
N PRO B 27 -13.88 -30.65 0.00
CA PRO B 27 -14.55 -31.95 0.10
C PRO B 27 -13.88 -33.17 -0.54
N ALA B 28 -13.07 -32.96 -1.57
CA ALA B 28 -12.41 -34.08 -2.23
C ALA B 28 -10.96 -34.22 -1.78
N SER B 29 -10.60 -33.57 -0.68
CA SER B 29 -9.24 -33.64 -0.17
C SER B 29 -8.83 -35.06 0.17
N ARG B 30 -7.54 -35.35 -0.05
CA ARG B 30 -6.97 -36.64 0.31
C ARG B 30 -5.81 -36.26 1.19
N PHE B 31 -5.29 -37.20 1.98
CA PHE B 31 -4.20 -36.86 2.88
C PHE B 31 -3.08 -37.87 2.92
N ILE B 32 -1.89 -37.36 3.19
CA ILE B 32 -0.70 -38.20 3.35
C ILE B 32 -0.27 -37.89 4.77
N GLU B 33 -0.19 -38.91 5.61
CA GLU B 33 0.23 -38.69 6.98
C GLU B 33 1.75 -38.51 7.03
N LEU B 34 2.21 -37.50 7.77
CA LEU B 34 3.64 -37.29 7.92
C LEU B 34 3.96 -38.27 9.06
N PRO B 35 4.64 -39.38 8.73
CA PRO B 35 5.01 -40.41 9.71
C PRO B 35 5.79 -39.97 10.95
N ASP B 36 5.32 -40.46 12.10
CA ASP B 36 5.97 -40.18 13.37
C ASP B 36 6.28 -38.70 13.52
N GLY B 37 7.51 -38.39 13.93
CA GLY B 37 7.87 -36.99 14.11
C GLY B 37 8.39 -36.30 12.88
N PHE B 38 7.80 -35.14 12.57
CA PHE B 38 8.22 -34.34 11.42
C PHE B 38 8.97 -33.15 12.02
N ALA B 39 10.30 -33.21 11.96
CA ALA B 39 11.13 -32.15 12.51
C ALA B 39 11.03 -30.83 11.76
N MET B 40 10.86 -29.73 12.50
CA MET B 40 10.74 -28.39 11.93
C MET B 40 12.09 -27.67 11.98
N ARG B 41 12.39 -26.93 10.92
CA ARG B 41 13.66 -26.20 10.80
C ARG B 41 14.10 -25.38 12.02
N ARG B 42 13.19 -24.59 12.56
CA ARG B 42 13.54 -23.74 13.69
C ARG B 42 13.29 -24.35 15.08
N GLY B 43 13.14 -25.67 15.11
CA GLY B 43 12.94 -26.34 16.38
C GLY B 43 11.61 -27.04 16.55
N GLY B 44 11.61 -28.10 17.34
CA GLY B 44 10.39 -28.86 17.59
C GLY B 44 10.06 -29.79 16.44
N ALA B 45 9.02 -30.60 16.66
CA ALA B 45 8.58 -31.56 15.65
C ALA B 45 7.08 -31.76 15.79
N LEU B 46 6.44 -32.11 14.68
CA LEU B 46 5.01 -32.35 14.65
C LEU B 46 4.71 -33.84 14.65
N TYR B 47 3.75 -34.24 15.47
CA TYR B 47 3.32 -35.63 15.52
C TYR B 47 1.85 -35.68 15.15
N GLY B 48 1.45 -36.71 14.42
CA GLY B 48 0.07 -36.83 13.99
C GLY B 48 -0.32 -35.82 12.93
N ALA B 49 0.69 -35.26 12.26
CA ALA B 49 0.46 -34.26 11.22
C ALA B 49 0.17 -34.90 9.86
N ARG B 50 -0.38 -34.11 8.95
CA ARG B 50 -0.71 -34.59 7.62
C ARG B 50 -0.71 -33.46 6.60
N ILE B 51 -0.63 -33.84 5.33
CA ILE B 51 -0.66 -32.89 4.24
C ILE B 51 -1.87 -33.21 3.36
N ALA B 52 -2.68 -32.19 3.08
CA ALA B 52 -3.84 -32.37 2.24
C ALA B 52 -3.39 -32.15 0.81
N TYR B 53 -3.87 -32.97 -0.11
CA TYR B 53 -3.49 -32.84 -1.51
C TYR B 53 -4.63 -33.27 -2.41
N GLU B 54 -4.52 -32.92 -3.68
CA GLU B 54 -5.50 -33.31 -4.70
C GLU B 54 -4.70 -33.53 -5.98
N THR B 55 -5.19 -34.41 -6.84
CA THR B 55 -4.49 -34.67 -8.09
C THR B 55 -5.44 -34.42 -9.24
N PHE B 56 -4.87 -34.13 -10.40
CA PHE B 56 -5.63 -33.84 -11.61
C PHE B 56 -4.93 -34.49 -12.78
N GLY B 57 -5.65 -35.31 -13.54
CA GLY B 57 -5.02 -35.97 -14.67
C GLY B 57 -4.45 -37.32 -14.29
N SER B 58 -4.24 -38.17 -15.28
CA SER B 58 -3.71 -39.50 -15.05
C SER B 58 -2.19 -39.60 -14.92
N LEU B 59 -1.73 -40.38 -13.94
CA LEU B 59 -0.30 -40.61 -13.76
C LEU B 59 0.00 -41.75 -14.73
N ASN B 60 1.02 -41.58 -15.58
CA ASN B 60 1.32 -42.64 -16.54
C ASN B 60 2.05 -43.84 -15.95
N ALA B 61 2.30 -44.85 -16.78
CA ALA B 61 2.95 -46.08 -16.35
C ALA B 61 4.32 -45.89 -15.74
N ALA B 62 5.13 -45.04 -16.34
CA ALA B 62 6.48 -44.79 -15.85
C ALA B 62 6.49 -43.83 -14.66
N ARG B 63 5.31 -43.26 -14.36
CA ARG B 63 5.16 -42.30 -13.27
C ARG B 63 6.10 -41.13 -13.48
N ASP B 64 6.32 -40.76 -14.74
CA ASP B 64 7.23 -39.67 -15.05
C ASP B 64 6.56 -38.41 -15.61
N ASN B 65 5.25 -38.29 -15.44
CA ASN B 65 4.52 -37.12 -15.92
C ASN B 65 3.86 -36.37 -14.77
N ALA B 66 4.41 -36.51 -13.56
CA ALA B 66 3.83 -35.82 -12.41
C ALA B 66 4.33 -34.39 -12.30
N VAL B 67 3.41 -33.48 -12.00
CA VAL B 67 3.74 -32.07 -11.85
C VAL B 67 3.23 -31.58 -10.51
N LEU B 68 4.16 -31.20 -9.62
CA LEU B 68 3.80 -30.70 -8.30
C LEU B 68 3.55 -29.20 -8.36
N VAL B 69 2.49 -28.74 -7.71
CA VAL B 69 2.18 -27.32 -7.66
C VAL B 69 2.16 -26.86 -6.21
N LEU B 70 3.03 -25.91 -5.89
CA LEU B 70 3.11 -25.33 -4.55
C LEU B 70 2.41 -23.97 -4.67
N THR B 71 1.44 -23.75 -3.80
CA THR B 71 0.61 -22.55 -3.85
C THR B 71 1.07 -21.27 -3.17
N ALA B 72 0.31 -20.22 -3.43
CA ALA B 72 0.56 -18.91 -2.82
C ALA B 72 0.08 -19.07 -1.38
N LEU B 73 0.33 -18.06 -0.57
CA LEU B 73 -0.05 -18.12 0.84
C LEU B 73 -1.50 -18.48 1.13
N SER B 74 -2.44 -17.86 0.42
CA SER B 74 -3.86 -18.10 0.65
C SER B 74 -4.50 -19.29 -0.06
N GLY B 75 -3.76 -19.95 -0.94
CA GLY B 75 -4.36 -21.07 -1.66
C GLY B 75 -4.60 -22.37 -0.91
N ASP B 76 -5.25 -23.31 -1.58
CA ASP B 76 -5.49 -24.63 -1.02
C ASP B 76 -5.12 -25.64 -2.11
N ALA B 77 -5.34 -26.92 -1.85
CA ALA B 77 -4.97 -27.94 -2.83
C ALA B 77 -5.92 -28.08 -4.02
N HIS B 78 -7.07 -27.42 -3.96
CA HIS B 78 -8.05 -27.51 -5.04
C HIS B 78 -7.71 -26.50 -6.13
N ALA B 79 -6.67 -26.83 -6.90
CA ALA B 79 -6.19 -25.98 -7.99
C ALA B 79 -7.18 -25.90 -9.13
N ALA B 80 -7.96 -26.96 -9.32
CA ALA B 80 -8.93 -27.00 -10.41
C ALA B 80 -10.11 -27.90 -10.08
N SER B 81 -11.18 -27.75 -10.86
CA SER B 81 -12.38 -28.55 -10.67
C SER B 81 -12.18 -29.99 -11.10
N ARG B 82 -13.02 -30.86 -10.55
CA ARG B 82 -13.02 -32.28 -10.87
C ARG B 82 -14.42 -32.81 -10.62
N PRO B 83 -14.77 -33.95 -11.23
CA PRO B 83 -16.10 -34.53 -11.04
C PRO B 83 -16.50 -34.71 -9.57
N ASP B 84 -15.55 -35.06 -8.71
CA ASP B 84 -15.84 -35.27 -7.29
C ASP B 84 -15.88 -33.97 -6.49
N ASP B 85 -15.56 -32.86 -7.15
CA ASP B 85 -15.59 -31.52 -6.54
C ASP B 85 -15.53 -30.53 -7.70
N PRO B 86 -16.65 -30.35 -8.40
CA PRO B 86 -16.85 -29.46 -9.55
C PRO B 86 -16.61 -27.98 -9.31
N THR B 87 -16.52 -27.57 -8.05
CA THR B 87 -16.28 -26.17 -7.72
C THR B 87 -14.98 -25.73 -8.38
N PRO B 88 -14.95 -24.53 -8.98
CA PRO B 88 -13.72 -24.08 -9.63
C PRO B 88 -12.54 -23.99 -8.65
N GLY B 89 -11.36 -24.32 -9.15
CA GLY B 89 -10.17 -24.26 -8.32
C GLY B 89 -9.56 -22.88 -8.39
N TRP B 90 -8.58 -22.61 -7.54
CA TRP B 90 -7.95 -21.30 -7.53
C TRP B 90 -7.17 -21.03 -8.81
N TRP B 91 -6.86 -22.09 -9.56
CA TRP B 91 -6.12 -21.97 -10.82
C TRP B 91 -6.90 -22.68 -11.92
N GLU B 92 -8.22 -22.54 -11.88
CA GLU B 92 -9.11 -23.17 -12.84
C GLU B 92 -8.72 -23.01 -14.32
N ALA B 93 -8.31 -21.81 -14.69
CA ALA B 93 -7.96 -21.53 -16.08
C ALA B 93 -6.58 -22.03 -16.49
N MET B 94 -5.73 -22.30 -15.51
CA MET B 94 -4.37 -22.76 -15.77
C MET B 94 -4.23 -24.28 -15.83
N VAL B 95 -4.99 -24.97 -14.98
CA VAL B 95 -4.90 -26.42 -14.87
C VAL B 95 -6.18 -27.13 -15.32
N GLY B 96 -6.04 -28.07 -16.25
CA GLY B 96 -7.21 -28.80 -16.72
C GLY B 96 -7.03 -29.40 -18.09
N PRO B 97 -8.06 -30.08 -18.63
CA PRO B 97 -7.98 -30.69 -19.95
C PRO B 97 -7.73 -29.64 -21.04
N GLY B 98 -6.63 -29.78 -21.77
CA GLY B 98 -6.30 -28.86 -22.84
C GLY B 98 -5.86 -27.47 -22.42
N LYS B 99 -5.68 -27.27 -21.12
CA LYS B 99 -5.26 -25.98 -20.59
C LYS B 99 -3.73 -25.89 -20.52
N PRO B 100 -3.20 -24.69 -20.20
CA PRO B 100 -1.73 -24.49 -20.11
C PRO B 100 -1.02 -25.65 -19.43
N VAL B 101 -1.51 -26.07 -18.28
CA VAL B 101 -0.96 -27.23 -17.58
C VAL B 101 -2.03 -28.26 -17.93
N ASP B 102 -1.82 -28.95 -19.04
CA ASP B 102 -2.76 -29.93 -19.60
C ASP B 102 -2.83 -31.25 -18.84
N THR B 103 -3.95 -31.46 -18.15
CA THR B 103 -4.10 -32.68 -17.38
C THR B 103 -4.27 -33.93 -18.25
N ASP B 104 -4.34 -33.74 -19.57
CA ASP B 104 -4.42 -34.88 -20.47
C ASP B 104 -2.99 -35.40 -20.63
N LEU B 105 -2.03 -34.53 -20.32
CA LEU B 105 -0.62 -34.87 -20.43
C LEU B 105 0.04 -35.09 -19.08
N TRP B 106 -0.32 -34.26 -18.11
CA TRP B 106 0.29 -34.33 -16.78
C TRP B 106 -0.61 -34.81 -15.66
N HIS B 107 0.03 -35.37 -14.64
CA HIS B 107 -0.65 -35.79 -13.42
C HIS B 107 -0.26 -34.67 -12.46
N VAL B 108 -1.15 -33.70 -12.31
CA VAL B 108 -0.88 -32.57 -11.42
C VAL B 108 -1.19 -32.89 -9.97
N ILE B 109 -0.23 -32.61 -9.09
CA ILE B 109 -0.41 -32.85 -7.67
C ILE B 109 -0.29 -31.49 -7.00
N CYS B 110 -1.35 -31.06 -6.33
CA CYS B 110 -1.32 -29.78 -5.63
C CYS B 110 -1.46 -30.08 -4.14
N VAL B 111 -0.63 -29.45 -3.33
CA VAL B 111 -0.67 -29.67 -1.90
C VAL B 111 -0.97 -28.40 -1.12
N ASN B 112 -1.65 -28.55 0.01
CA ASN B 112 -1.93 -27.41 0.89
C ASN B 112 -0.63 -27.30 1.70
N SER B 113 -0.06 -26.10 1.74
CA SER B 113 1.20 -25.91 2.47
C SER B 113 1.07 -26.25 3.96
N LEU B 114 2.12 -26.87 4.51
CA LEU B 114 2.13 -27.17 5.94
C LEU B 114 2.01 -25.81 6.64
N GLY B 115 1.25 -25.75 7.72
CA GLY B 115 1.09 -24.48 8.41
C GLY B 115 -0.16 -23.72 7.99
N SER B 116 -0.81 -24.20 6.94
CA SER B 116 -2.03 -23.57 6.41
C SER B 116 -3.24 -24.04 7.22
N CYS B 117 -4.44 -23.84 6.69
CA CYS B 117 -5.68 -24.21 7.37
C CYS B 117 -6.72 -24.76 6.40
N LYS B 118 -6.26 -25.37 5.31
CA LYS B 118 -7.15 -25.93 4.30
C LYS B 118 -7.02 -27.45 4.23
N GLY B 119 -6.56 -28.07 5.31
CA GLY B 119 -6.43 -29.51 5.33
C GLY B 119 -5.10 -29.98 5.88
N SER B 120 -4.03 -29.26 5.56
CA SER B 120 -2.72 -29.63 6.06
C SER B 120 -2.59 -29.11 7.48
N THR B 121 -1.85 -29.83 8.31
CA THR B 121 -1.67 -29.45 9.70
C THR B 121 -1.14 -28.02 9.85
N GLY B 122 -1.84 -27.25 10.68
CA GLY B 122 -1.45 -25.87 10.94
C GLY B 122 -1.87 -25.48 12.35
N PRO B 123 -1.75 -24.20 12.72
CA PRO B 123 -2.11 -23.71 14.06
C PRO B 123 -3.54 -24.03 14.50
N ALA B 124 -4.46 -24.13 13.54
CA ALA B 124 -5.85 -24.41 13.85
C ALA B 124 -6.14 -25.90 14.02
N SER B 125 -5.15 -26.72 13.70
CA SER B 125 -5.31 -28.17 13.81
C SER B 125 -5.17 -28.63 15.26
N THR B 126 -5.69 -29.82 15.55
CA THR B 126 -5.62 -30.34 16.90
C THR B 126 -4.25 -30.94 17.24
N ASP B 127 -3.72 -30.56 18.40
CA ASP B 127 -2.44 -31.07 18.88
C ASP B 127 -2.76 -32.37 19.62
N PRO B 128 -2.26 -33.51 19.14
CA PRO B 128 -2.54 -34.78 19.82
C PRO B 128 -2.13 -34.84 21.29
N ARG B 129 -1.19 -33.99 21.68
CA ARG B 129 -0.72 -33.98 23.06
C ARG B 129 -1.70 -33.29 24.03
N THR B 130 -2.57 -32.43 23.50
CA THR B 130 -3.52 -31.71 24.35
C THR B 130 -4.98 -31.93 23.98
N GLY B 131 -5.24 -32.32 22.74
CA GLY B 131 -6.61 -32.51 22.31
C GLY B 131 -7.23 -31.19 21.91
N GLU B 132 -6.44 -30.13 21.96
CA GLU B 132 -6.89 -28.78 21.59
C GLU B 132 -6.08 -28.23 20.42
N PRO B 133 -6.55 -27.14 19.80
CA PRO B 133 -5.82 -26.55 18.68
C PRO B 133 -4.46 -26.08 19.13
N TYR B 134 -3.47 -26.16 18.24
CA TYR B 134 -2.12 -25.72 18.57
C TYR B 134 -2.09 -24.25 18.95
N ARG B 135 -2.78 -23.44 18.15
CA ARG B 135 -2.79 -21.99 18.34
C ARG B 135 -1.32 -21.56 18.24
N LEU B 136 -0.88 -20.67 19.12
CA LEU B 136 0.51 -20.21 19.05
C LEU B 136 1.54 -21.19 19.61
N SER B 137 1.11 -22.41 19.94
CA SER B 137 2.05 -23.41 20.42
C SER B 137 2.60 -24.13 19.19
N PHE B 138 2.04 -23.83 18.01
CA PHE B 138 2.52 -24.44 16.78
C PHE B 138 3.98 -24.04 16.61
N PRO B 139 4.84 -24.98 16.20
CA PRO B 139 6.26 -24.67 16.00
C PRO B 139 6.45 -23.58 14.94
N GLU B 140 7.43 -22.71 15.13
CA GLU B 140 7.68 -21.67 14.13
C GLU B 140 7.78 -22.38 12.78
N LEU B 141 7.14 -21.80 11.78
CA LEU B 141 7.12 -22.40 10.43
C LEU B 141 8.13 -21.78 9.49
N SER B 142 8.79 -22.63 8.71
CA SER B 142 9.77 -22.20 7.71
C SER B 142 9.37 -22.71 6.33
N ILE B 143 9.75 -21.96 5.30
CA ILE B 143 9.46 -22.35 3.93
C ILE B 143 10.05 -23.74 3.69
N GLU B 144 11.20 -24.01 4.29
CA GLU B 144 11.84 -25.30 4.15
C GLU B 144 10.96 -26.45 4.66
N ASP B 145 10.15 -26.18 5.67
CA ASP B 145 9.27 -27.22 6.22
C ASP B 145 8.18 -27.55 5.21
N ILE B 146 7.66 -26.51 4.57
CA ILE B 146 6.62 -26.68 3.56
C ILE B 146 7.18 -27.53 2.42
N ALA B 147 8.40 -27.21 1.99
CA ALA B 147 9.05 -27.96 0.93
C ALA B 147 9.26 -29.41 1.31
N ASP B 148 9.81 -29.65 2.51
CA ASP B 148 10.06 -31.00 2.97
C ASP B 148 8.77 -31.83 3.06
N ALA B 149 7.69 -31.21 3.53
CA ALA B 149 6.42 -31.92 3.65
C ALA B 149 5.85 -32.26 2.27
N ALA B 150 6.07 -31.36 1.30
CA ALA B 150 5.59 -31.60 -0.05
C ALA B 150 6.40 -32.73 -0.68
N ALA B 151 7.71 -32.73 -0.44
CA ALA B 151 8.58 -33.75 -0.99
C ALA B 151 8.16 -35.12 -0.47
N HIS B 152 7.85 -35.20 0.82
CA HIS B 152 7.43 -36.46 1.41
C HIS B 152 6.14 -36.93 0.76
N THR B 153 5.23 -35.99 0.55
CA THR B 153 3.93 -36.30 -0.04
C THR B 153 4.08 -36.93 -1.44
N VAL B 154 4.90 -36.31 -2.29
CA VAL B 154 5.11 -36.84 -3.63
C VAL B 154 5.70 -38.25 -3.57
N ARG B 155 6.69 -38.44 -2.70
CA ARG B 155 7.31 -39.75 -2.56
C ARG B 155 6.35 -40.78 -2.01
N ALA B 156 5.46 -40.36 -1.11
CA ALA B 156 4.47 -41.26 -0.53
C ALA B 156 3.49 -41.71 -1.62
N LEU B 157 3.36 -40.92 -2.67
CA LEU B 157 2.48 -41.25 -3.78
C LEU B 157 3.19 -42.13 -4.81
N GLY B 158 4.39 -42.58 -4.47
CA GLY B 158 5.14 -43.45 -5.36
C GLY B 158 5.91 -42.78 -6.49
N ILE B 159 6.11 -41.47 -6.38
CA ILE B 159 6.84 -40.73 -7.40
C ILE B 159 8.23 -40.39 -6.89
N SER B 160 9.24 -40.84 -7.64
CA SER B 160 10.63 -40.61 -7.27
C SER B 160 11.23 -39.40 -7.98
N ARG B 161 10.63 -38.98 -9.09
CA ARG B 161 11.12 -37.82 -9.82
C ARG B 161 10.02 -37.15 -10.61
N LEU B 162 9.72 -35.92 -10.21
CA LEU B 162 8.68 -35.12 -10.86
C LEU B 162 9.15 -34.63 -12.21
N ALA B 163 8.22 -34.53 -13.15
CA ALA B 163 8.57 -34.00 -14.46
C ALA B 163 8.82 -32.52 -14.26
N CYS B 164 8.06 -31.91 -13.35
CA CYS B 164 8.18 -30.49 -13.09
C CYS B 164 7.62 -30.09 -11.72
N VAL B 165 8.23 -29.09 -11.11
CA VAL B 165 7.70 -28.56 -9.87
C VAL B 165 7.37 -27.10 -10.20
N VAL B 166 6.14 -26.71 -9.93
CA VAL B 166 5.65 -25.36 -10.21
C VAL B 166 5.39 -24.61 -8.91
N GLY B 167 5.85 -23.37 -8.84
CA GLY B 167 5.63 -22.57 -7.65
C GLY B 167 5.29 -21.14 -8.02
N ALA B 168 4.31 -20.56 -7.33
CA ALA B 168 3.90 -19.18 -7.58
C ALA B 168 3.88 -18.40 -6.27
N SER B 169 4.42 -17.19 -6.28
CA SER B 169 4.45 -16.34 -5.10
C SER B 169 5.16 -17.08 -3.95
N MET B 170 4.49 -17.23 -2.82
CA MET B 170 5.09 -17.96 -1.70
C MET B 170 5.52 -19.34 -2.17
N GLY B 171 4.74 -19.91 -3.08
CA GLY B 171 5.04 -21.23 -3.61
C GLY B 171 6.34 -21.24 -4.40
N GLY B 172 6.71 -20.08 -4.93
CA GLY B 172 7.95 -19.98 -5.68
C GLY B 172 9.09 -20.17 -4.70
N MET B 173 8.92 -19.67 -3.48
CA MET B 173 9.95 -19.82 -2.46
C MET B 173 9.99 -21.30 -2.04
N SER B 174 8.80 -21.88 -1.80
CA SER B 174 8.72 -23.27 -1.39
C SER B 174 9.37 -24.17 -2.45
N ALA B 175 9.14 -23.86 -3.73
CA ALA B 175 9.70 -24.66 -4.82
C ALA B 175 11.23 -24.59 -4.83
N LEU B 176 11.79 -23.40 -4.61
CA LEU B 176 13.24 -23.26 -4.60
C LEU B 176 13.81 -24.06 -3.44
N ALA B 177 13.15 -24.02 -2.30
CA ALA B 177 13.60 -24.77 -1.13
C ALA B 177 13.59 -26.25 -1.47
N LEU B 178 12.55 -26.70 -2.17
CA LEU B 178 12.47 -28.12 -2.53
C LEU B 178 13.62 -28.51 -3.48
N LEU B 179 13.91 -27.65 -4.45
CA LEU B 179 14.97 -27.93 -5.40
C LEU B 179 16.35 -27.98 -4.72
N ALA B 180 16.54 -27.15 -3.70
CA ALA B 180 17.81 -27.10 -3.00
C ALA B 180 17.99 -28.27 -2.04
N ARG B 181 16.89 -28.68 -1.38
CA ARG B 181 16.93 -29.75 -0.40
C ARG B 181 16.69 -31.17 -0.92
N HIS B 182 16.02 -31.28 -2.06
CA HIS B 182 15.71 -32.57 -2.67
C HIS B 182 16.02 -32.44 -4.16
N PRO B 183 17.29 -32.23 -4.50
CA PRO B 183 17.76 -32.07 -5.88
C PRO B 183 17.42 -33.14 -6.91
N GLU B 184 17.20 -34.36 -6.47
CA GLU B 184 16.87 -35.43 -7.41
C GLU B 184 15.38 -35.60 -7.66
N LEU B 185 14.57 -34.82 -6.95
CA LEU B 185 13.11 -34.94 -7.05
C LEU B 185 12.38 -34.25 -8.21
N ALA B 186 13.02 -33.30 -8.89
CA ALA B 186 12.35 -32.62 -10.00
C ALA B 186 13.26 -32.39 -11.20
N ARG B 187 12.76 -32.75 -12.38
CA ARG B 187 13.50 -32.62 -13.62
C ARG B 187 13.50 -31.18 -14.14
N THR B 188 12.37 -30.50 -13.99
CA THR B 188 12.25 -29.13 -14.45
C THR B 188 11.50 -28.27 -13.44
N HIS B 189 11.48 -26.96 -13.68
CA HIS B 189 10.83 -26.03 -12.76
C HIS B 189 10.20 -24.83 -13.45
N ILE B 190 9.01 -24.46 -12.99
CA ILE B 190 8.32 -23.28 -13.49
C ILE B 190 8.19 -22.39 -12.26
N SER B 191 8.80 -21.21 -12.33
CA SER B 191 8.77 -20.26 -11.23
C SER B 191 7.98 -19.03 -11.66
N LEU B 192 6.85 -18.79 -11.00
CA LEU B 192 5.99 -17.64 -11.33
C LEU B 192 5.95 -16.61 -10.20
N SER B 193 6.46 -15.42 -10.49
CA SER B 193 6.48 -14.33 -9.52
C SER B 193 7.01 -14.76 -8.15
N GLY B 194 8.17 -15.41 -8.17
CA GLY B 194 8.79 -15.86 -6.93
C GLY B 194 9.99 -15.01 -6.58
N ALA B 195 10.74 -15.43 -5.55
CA ALA B 195 11.94 -14.71 -5.13
C ALA B 195 12.77 -15.60 -4.22
N VAL B 196 14.07 -15.30 -4.13
CA VAL B 196 14.96 -16.08 -3.29
C VAL B 196 14.81 -15.63 -1.83
N HIS B 197 14.26 -14.43 -1.65
CA HIS B 197 14.01 -13.86 -0.33
C HIS B 197 13.24 -12.57 -0.49
N ALA B 198 12.55 -12.16 0.57
CA ALA B 198 11.75 -10.94 0.54
C ALA B 198 12.57 -9.67 0.66
N LEU B 199 12.17 -8.65 -0.10
CA LEU B 199 12.84 -7.35 -0.04
C LEU B 199 12.04 -6.49 0.96
N PRO B 200 12.64 -5.40 1.46
CA PRO B 200 12.03 -4.50 2.44
C PRO B 200 10.56 -4.11 2.23
N PHE B 201 10.20 -3.71 1.02
CA PHE B 201 8.83 -3.30 0.78
C PHE B 201 7.83 -4.40 1.12
N SER B 202 8.03 -5.59 0.56
CA SER B 202 7.10 -6.68 0.81
C SER B 202 7.11 -7.06 2.29
N ILE B 203 8.25 -6.92 2.94
CA ILE B 203 8.32 -7.23 4.38
C ILE B 203 7.47 -6.23 5.12
N ALA B 204 7.56 -4.96 4.74
CA ALA B 204 6.79 -3.90 5.37
C ALA B 204 5.29 -4.14 5.18
N VAL B 205 4.90 -4.56 3.97
CA VAL B 205 3.50 -4.83 3.70
C VAL B 205 2.98 -5.97 4.59
N ARG B 206 3.68 -7.10 4.60
CA ARG B 206 3.24 -8.22 5.43
C ARG B 206 3.25 -7.84 6.90
N SER B 207 4.18 -6.97 7.30
CA SER B 207 4.26 -6.54 8.69
C SER B 207 2.98 -5.79 9.08
N LEU B 208 2.52 -4.93 8.19
CA LEU B 208 1.30 -4.18 8.45
C LEU B 208 0.10 -5.11 8.48
N GLN B 209 0.09 -6.10 7.59
CA GLN B 209 -1.00 -7.06 7.54
C GLN B 209 -1.08 -7.82 8.85
N ARG B 210 0.06 -8.29 9.35
CA ARG B 210 0.08 -9.01 10.61
C ARG B 210 -0.33 -8.07 11.73
N GLU B 211 0.02 -6.80 11.58
CA GLU B 211 -0.32 -5.77 12.56
C GLU B 211 -1.82 -5.62 12.67
N ALA B 212 -2.51 -5.60 11.53
CA ALA B 212 -3.96 -5.45 11.50
C ALA B 212 -4.64 -6.56 12.29
N ILE B 213 -4.03 -7.74 12.28
CA ILE B 213 -4.58 -8.89 13.00
C ILE B 213 -4.25 -8.84 14.48
N ARG B 214 -2.99 -8.54 14.80
CA ARG B 214 -2.55 -8.47 16.18
C ARG B 214 -3.11 -7.25 16.92
N SER B 215 -3.52 -6.23 16.17
CA SER B 215 -4.07 -5.01 16.78
C SER B 215 -5.57 -5.15 17.06
N ASP B 216 -6.17 -6.22 16.54
CA ASP B 216 -7.58 -6.46 16.75
C ASP B 216 -7.78 -7.15 18.10
N PRO B 217 -8.48 -6.48 19.04
CA PRO B 217 -8.69 -7.06 20.36
C PRO B 217 -9.31 -8.46 20.30
N GLY B 218 -9.90 -8.78 19.15
CA GLY B 218 -10.52 -10.08 18.97
C GLY B 218 -9.52 -11.22 18.79
N TRP B 219 -8.25 -10.88 18.60
CA TRP B 219 -7.23 -11.90 18.41
C TRP B 219 -7.00 -12.68 19.71
N LEU B 220 -7.12 -11.98 20.84
CA LEU B 220 -6.95 -12.60 22.15
C LEU B 220 -5.67 -13.43 22.25
N GLN B 221 -4.56 -12.87 21.79
CA GLN B 221 -3.27 -13.56 21.84
C GLN B 221 -3.34 -14.92 21.15
N GLY B 222 -4.22 -15.04 20.17
CA GLY B 222 -4.35 -16.29 19.43
C GLY B 222 -5.36 -17.28 19.99
N HIS B 223 -6.07 -16.88 21.04
CA HIS B 223 -7.06 -17.77 21.67
C HIS B 223 -8.51 -17.42 21.35
N TYR B 224 -8.73 -16.86 20.16
CA TYR B 224 -10.07 -16.49 19.72
C TYR B 224 -10.93 -17.73 19.51
N ASP B 225 -10.29 -18.82 19.12
CA ASP B 225 -10.97 -20.09 18.90
C ASP B 225 -12.25 -19.98 18.08
N GLU B 226 -13.38 -20.37 18.67
CA GLU B 226 -14.66 -20.35 17.98
C GLU B 226 -15.35 -18.99 18.00
N GLY B 227 -14.81 -18.04 18.77
CA GLY B 227 -15.39 -16.72 18.82
C GLY B 227 -15.23 -16.05 17.48
N GLU B 228 -15.76 -14.84 17.33
CA GLU B 228 -15.64 -14.12 16.06
C GLU B 228 -14.18 -13.95 15.67
N GLY B 229 -13.31 -13.78 16.65
CA GLY B 229 -11.90 -13.60 16.36
C GLY B 229 -11.63 -12.23 15.80
N PRO B 230 -10.40 -11.96 15.36
CA PRO B 230 -10.01 -10.66 14.78
C PRO B 230 -10.49 -10.50 13.35
N ARG B 231 -11.80 -10.63 13.14
CA ARG B 231 -12.36 -10.51 11.79
C ARG B 231 -12.05 -9.15 11.17
N ARG B 232 -12.13 -8.10 11.98
CA ARG B 232 -11.84 -6.75 11.51
C ARG B 232 -10.42 -6.70 10.96
N GLY B 233 -9.47 -7.20 11.74
CA GLY B 233 -8.08 -7.21 11.33
C GLY B 233 -7.83 -8.03 10.07
N MET B 234 -8.52 -9.17 9.94
CA MET B 234 -8.36 -10.02 8.78
C MET B 234 -8.84 -9.31 7.52
N LEU B 235 -9.97 -8.62 7.63
CA LEU B 235 -10.52 -7.88 6.49
C LEU B 235 -9.48 -6.89 5.99
N THR B 236 -8.95 -6.10 6.91
CA THR B 236 -7.95 -5.09 6.59
C THR B 236 -6.69 -5.71 6.01
N ALA B 237 -6.27 -6.84 6.59
CA ALA B 237 -5.08 -7.51 6.10
C ALA B 237 -5.27 -7.81 4.62
N ARG B 238 -6.44 -8.34 4.28
CA ARG B 238 -6.74 -8.68 2.90
C ARG B 238 -6.82 -7.45 1.99
N LYS B 239 -7.42 -6.37 2.49
CA LYS B 239 -7.54 -5.14 1.71
C LYS B 239 -6.17 -4.57 1.38
N LEU B 240 -5.31 -4.48 2.39
CA LEU B 240 -3.96 -3.94 2.20
C LEU B 240 -3.23 -4.79 1.15
N GLY B 241 -3.38 -6.12 1.28
CA GLY B 241 -2.74 -7.01 0.33
C GLY B 241 -3.24 -6.78 -1.08
N MET B 242 -4.55 -6.83 -1.26
CA MET B 242 -5.15 -6.62 -2.57
C MET B 242 -4.69 -5.34 -3.25
N MET B 243 -4.59 -4.27 -2.48
CA MET B 243 -4.16 -2.99 -3.03
C MET B 243 -2.73 -2.99 -3.51
N THR B 244 -1.91 -3.86 -2.95
CA THR B 244 -0.51 -3.94 -3.33
C THR B 244 -0.25 -4.97 -4.42
N TYR B 245 -1.22 -5.86 -4.66
CA TYR B 245 -1.07 -6.92 -5.66
C TYR B 245 -1.31 -6.51 -7.11
N ARG B 246 -1.97 -5.38 -7.32
CA ARG B 246 -2.25 -4.92 -8.68
C ARG B 246 -1.88 -3.44 -8.78
N SER B 247 -1.35 -3.04 -9.94
CA SER B 247 -0.91 -1.66 -10.16
C SER B 247 -1.94 -0.59 -9.86
N ALA B 248 -1.45 0.52 -9.29
CA ALA B 248 -2.31 1.64 -8.95
C ALA B 248 -3.03 2.14 -10.19
N GLN B 249 -2.34 2.12 -11.32
CA GLN B 249 -2.93 2.59 -12.57
C GLN B 249 -4.12 1.70 -12.96
N GLU B 250 -4.00 0.39 -12.76
CA GLU B 250 -5.08 -0.52 -13.10
C GLU B 250 -6.29 -0.26 -12.19
N TRP B 251 -6.04 0.06 -10.93
CA TRP B 251 -7.12 0.34 -10.00
C TRP B 251 -7.91 1.55 -10.49
N ASP B 252 -7.19 2.62 -10.82
CA ASP B 252 -7.83 3.84 -11.30
C ASP B 252 -8.62 3.54 -12.57
N CYS B 253 -8.08 2.67 -13.41
CA CYS B 253 -8.72 2.30 -14.67
C CYS B 253 -9.96 1.41 -14.51
N ARG B 254 -9.93 0.52 -13.51
CA ARG B 254 -11.03 -0.39 -13.29
C ARG B 254 -12.25 0.21 -12.59
N PHE B 255 -12.03 1.16 -11.68
CA PHE B 255 -13.14 1.75 -10.94
C PHE B 255 -13.37 3.25 -11.09
N GLY B 256 -12.31 4.00 -11.39
CA GLY B 256 -12.47 5.45 -11.51
C GLY B 256 -13.06 5.98 -10.21
N ARG B 257 -13.69 7.16 -10.26
CA ARG B 257 -14.30 7.74 -9.07
C ARG B 257 -15.77 7.34 -8.90
N THR B 258 -16.16 6.24 -9.56
CA THR B 258 -17.54 5.77 -9.49
C THR B 258 -17.98 5.50 -8.06
N ARG B 259 -19.13 6.07 -7.67
CA ARG B 259 -19.67 5.87 -6.33
C ARG B 259 -20.44 4.55 -6.29
N ILE B 260 -20.66 4.03 -5.10
CA ILE B 260 -21.40 2.79 -4.94
C ILE B 260 -22.80 2.94 -5.54
N GLY B 261 -23.24 1.93 -6.28
CA GLY B 261 -24.56 1.99 -6.90
C GLY B 261 -25.66 1.74 -5.88
N GLU B 262 -25.29 1.14 -4.75
CA GLU B 262 -26.24 0.84 -3.69
C GLU B 262 -26.67 2.11 -2.97
N ARG B 263 -26.01 3.22 -3.31
CA ARG B 263 -26.32 4.51 -2.70
C ARG B 263 -25.90 4.53 -1.23
N GLY B 269 -22.81 4.60 9.74
CA GLY B 269 -23.43 5.71 8.95
C GLY B 269 -22.55 6.94 8.90
N ARG B 270 -21.36 6.86 9.50
CA ARG B 270 -20.43 7.97 9.51
C ARG B 270 -19.08 7.52 8.97
N PHE B 271 -18.59 8.21 7.94
CA PHE B 271 -17.31 7.89 7.32
C PHE B 271 -17.31 6.48 6.73
N GLY B 272 -18.47 6.00 6.32
CA GLY B 272 -18.57 4.68 5.74
C GLY B 272 -18.10 4.70 4.30
N PRO B 273 -18.15 3.56 3.59
CA PRO B 273 -17.73 3.51 2.18
C PRO B 273 -18.63 4.33 1.26
N GLU B 274 -18.04 4.93 0.23
CA GLU B 274 -18.80 5.73 -0.71
C GLU B 274 -18.42 5.44 -2.15
N PHE B 275 -17.20 4.93 -2.35
CA PHE B 275 -16.71 4.63 -3.69
C PHE B 275 -16.75 3.15 -4.01
N GLU B 276 -17.05 2.83 -5.28
CA GLU B 276 -17.13 1.45 -5.72
C GLU B 276 -15.86 0.68 -5.38
N VAL B 277 -14.70 1.33 -5.47
CA VAL B 277 -13.45 0.64 -5.16
C VAL B 277 -13.48 0.16 -3.72
N GLU B 278 -14.11 0.94 -2.83
CA GLU B 278 -14.21 0.57 -1.42
C GLU B 278 -15.13 -0.63 -1.23
N SER B 279 -16.26 -0.63 -1.93
CA SER B 279 -17.22 -1.72 -1.86
C SER B 279 -16.57 -3.00 -2.38
N TYR B 280 -15.82 -2.87 -3.48
CA TYR B 280 -15.14 -4.00 -4.09
C TYR B 280 -14.18 -4.65 -3.10
N LEU B 281 -13.35 -3.83 -2.47
CA LEU B 281 -12.37 -4.32 -1.50
C LEU B 281 -13.03 -5.02 -0.32
N ASP B 282 -14.07 -4.41 0.24
CA ASP B 282 -14.76 -5.00 1.38
C ASP B 282 -15.38 -6.34 1.02
N PHE B 283 -15.94 -6.42 -0.18
CA PHE B 283 -16.57 -7.66 -0.65
C PHE B 283 -15.60 -8.84 -0.66
N HIS B 284 -14.44 -8.64 -1.26
CA HIS B 284 -13.45 -9.71 -1.33
C HIS B 284 -12.74 -9.93 0.00
N ALA B 285 -12.63 -8.88 0.80
CA ALA B 285 -11.98 -9.00 2.10
C ALA B 285 -12.80 -9.94 2.98
N GLN B 286 -14.12 -9.85 2.87
CA GLN B 286 -15.03 -10.68 3.65
C GLN B 286 -14.82 -12.16 3.36
N ARG B 287 -14.72 -12.50 2.07
CA ARG B 287 -14.54 -13.89 1.67
C ARG B 287 -13.27 -14.48 2.26
N PHE B 288 -12.20 -13.70 2.30
CA PHE B 288 -10.94 -14.17 2.86
C PHE B 288 -11.08 -14.37 4.36
N ALA B 289 -11.59 -13.34 5.05
CA ALA B 289 -11.78 -13.40 6.49
C ALA B 289 -12.69 -14.56 6.88
N ASP B 290 -13.58 -14.93 5.97
CA ASP B 290 -14.52 -16.02 6.22
C ASP B 290 -13.92 -17.41 6.01
N ARG B 291 -12.80 -17.49 5.30
CA ARG B 291 -12.20 -18.80 5.03
C ARG B 291 -10.72 -18.94 5.35
N PHE B 292 -10.23 -18.22 6.36
CA PHE B 292 -8.83 -18.34 6.73
C PHE B 292 -8.65 -18.17 8.23
N ASP B 293 -7.75 -18.95 8.80
CA ASP B 293 -7.47 -18.89 10.23
C ASP B 293 -6.42 -17.81 10.50
N PRO B 294 -6.73 -16.86 11.40
CA PRO B 294 -5.77 -15.79 11.72
C PRO B 294 -4.37 -16.26 12.10
N ASN B 295 -4.26 -17.20 13.03
CA ASN B 295 -2.95 -17.69 13.45
C ASN B 295 -2.20 -18.31 12.28
N SER B 296 -2.89 -19.12 11.49
CA SER B 296 -2.26 -19.75 10.34
C SER B 296 -1.69 -18.66 9.44
N TYR B 297 -2.45 -17.58 9.26
CA TYR B 297 -2.00 -16.48 8.42
C TYR B 297 -0.69 -15.90 8.96
N LEU B 298 -0.64 -15.68 10.27
CA LEU B 298 0.56 -15.12 10.89
C LEU B 298 1.78 -16.01 10.64
N TYR B 299 1.62 -17.30 10.85
CA TYR B 299 2.74 -18.22 10.64
C TYR B 299 3.23 -18.25 9.20
N LEU B 300 2.31 -18.32 8.25
CA LEU B 300 2.69 -18.35 6.84
C LEU B 300 3.36 -17.05 6.42
N SER B 301 2.79 -15.93 6.86
CA SER B 301 3.31 -14.61 6.53
C SER B 301 4.74 -14.45 7.07
N HIS B 302 4.95 -14.87 8.31
CA HIS B 302 6.26 -14.78 8.94
C HIS B 302 7.27 -15.63 8.18
N ALA B 303 6.87 -16.84 7.78
CA ALA B 303 7.74 -17.73 7.04
C ALA B 303 8.25 -17.08 5.76
N MET B 304 7.38 -16.33 5.08
CA MET B 304 7.77 -15.67 3.85
C MET B 304 8.88 -14.63 4.08
N ASP B 305 8.82 -13.95 5.21
CA ASP B 305 9.81 -12.92 5.54
C ASP B 305 11.15 -13.51 5.97
N GLN B 306 11.10 -14.70 6.56
CA GLN B 306 12.33 -15.33 7.06
C GLN B 306 13.14 -16.15 6.05
N PHE B 307 12.49 -16.59 4.99
CA PHE B 307 13.18 -17.40 3.99
C PHE B 307 14.32 -16.67 3.29
N ASP B 308 15.44 -17.36 3.12
CA ASP B 308 16.59 -16.78 2.44
C ASP B 308 17.36 -17.95 1.81
N LEU B 309 17.09 -18.21 0.53
CA LEU B 309 17.73 -19.32 -0.17
C LEU B 309 19.23 -19.43 0.03
N GLY B 310 19.94 -18.31 -0.03
CA GLY B 310 21.38 -18.41 0.13
C GLY B 310 21.93 -18.46 1.53
N ASP B 311 21.10 -18.35 2.56
CA ASP B 311 21.57 -18.29 3.95
C ASP B 311 22.42 -19.39 4.62
N GLY B 312 22.36 -20.63 4.15
CA GLY B 312 23.17 -21.66 4.81
C GLY B 312 23.47 -22.93 4.04
N GLY B 313 24.07 -23.91 4.71
CA GLY B 313 24.40 -25.16 4.07
C GLY B 313 25.87 -25.37 3.79
N GLY B 314 26.66 -24.30 3.88
CA GLY B 314 28.10 -24.39 3.66
C GLY B 314 28.59 -24.36 2.22
N GLY B 315 27.70 -24.11 1.26
CA GLY B 315 28.11 -24.09 -0.13
C GLY B 315 28.72 -22.81 -0.70
N GLY B 316 28.30 -21.66 -0.19
CA GLY B 316 28.85 -20.40 -0.66
C GLY B 316 28.14 -19.77 -1.85
N GLY B 317 28.39 -18.48 -2.07
CA GLY B 317 27.77 -17.78 -3.19
C GLY B 317 26.38 -17.24 -2.95
N GLY B 318 25.89 -17.37 -1.71
CA GLY B 318 24.55 -16.87 -1.40
C GLY B 318 23.48 -17.51 -2.26
N ALA B 319 22.43 -16.75 -2.56
CA ALA B 319 21.33 -17.25 -3.37
C ALA B 319 21.76 -17.65 -4.78
N PRO B 320 22.54 -16.79 -5.47
CA PRO B 320 22.97 -17.15 -6.82
C PRO B 320 23.73 -18.48 -6.80
N GLY B 321 24.51 -18.69 -5.75
CA GLY B 321 25.25 -19.93 -5.63
C GLY B 321 24.32 -21.11 -5.45
N ALA B 322 23.33 -20.96 -4.58
CA ALA B 322 22.38 -22.03 -4.34
C ALA B 322 21.63 -22.38 -5.63
N LEU B 323 21.23 -21.36 -6.38
CA LEU B 323 20.50 -21.58 -7.63
C LEU B 323 21.38 -22.35 -8.62
N SER B 324 22.67 -22.00 -8.67
CA SER B 324 23.58 -22.65 -9.60
C SER B 324 23.80 -24.12 -9.27
N ARG B 325 23.65 -24.48 -8.00
CA ARG B 325 23.85 -25.86 -7.59
C ARG B 325 22.62 -26.75 -7.79
N MET B 326 21.48 -26.14 -8.10
CA MET B 326 20.28 -26.92 -8.33
C MET B 326 20.50 -27.79 -9.56
N ARG B 327 19.78 -28.89 -9.67
CA ARG B 327 19.98 -29.81 -10.79
C ARG B 327 18.89 -29.90 -11.85
N VAL B 328 18.03 -28.90 -11.95
CA VAL B 328 16.98 -28.94 -12.96
C VAL B 328 17.57 -28.77 -14.36
N GLU B 329 17.04 -29.53 -15.31
CA GLU B 329 17.49 -29.50 -16.70
C GLU B 329 16.98 -28.27 -17.44
N ARG B 330 15.74 -27.90 -17.15
CA ARG B 330 15.12 -26.77 -17.82
C ARG B 330 14.25 -26.03 -16.83
N ALA B 331 14.02 -24.75 -17.09
CA ALA B 331 13.18 -23.95 -16.22
C ALA B 331 12.51 -22.80 -16.96
N LEU B 332 11.31 -22.47 -16.53
CA LEU B 332 10.56 -21.35 -17.08
C LEU B 332 10.38 -20.40 -15.91
N VAL B 333 10.86 -19.18 -16.06
CA VAL B 333 10.74 -18.18 -15.00
C VAL B 333 9.98 -16.98 -15.55
N MET B 334 8.87 -16.61 -14.88
CA MET B 334 8.06 -15.49 -15.32
C MET B 334 7.75 -14.52 -14.19
N GLY B 335 7.54 -13.27 -14.55
CA GLY B 335 7.20 -12.25 -13.58
C GLY B 335 6.40 -11.16 -14.26
N ALA B 336 5.64 -10.39 -13.49
CA ALA B 336 4.84 -9.29 -14.02
C ALA B 336 5.64 -7.99 -13.93
N ARG B 337 5.66 -7.21 -15.01
CA ARG B 337 6.41 -5.96 -15.00
C ARG B 337 5.90 -4.99 -13.94
N THR B 338 4.63 -5.11 -13.56
CA THR B 338 4.03 -4.22 -12.58
C THR B 338 4.05 -4.72 -11.13
N ASP B 339 4.62 -5.91 -10.91
CA ASP B 339 4.69 -6.49 -9.57
C ASP B 339 5.58 -5.67 -8.65
N ILE B 340 5.02 -5.17 -7.54
CA ILE B 340 5.81 -4.39 -6.59
C ILE B 340 6.08 -5.16 -5.30
N LEU B 341 5.47 -6.34 -5.15
CA LEU B 341 5.71 -7.18 -3.96
C LEU B 341 7.01 -7.95 -4.19
N PHE B 342 7.05 -8.68 -5.31
CA PHE B 342 8.22 -9.45 -5.73
C PHE B 342 8.55 -8.83 -7.08
N PRO B 343 9.32 -7.73 -7.10
CA PRO B 343 9.66 -7.08 -8.37
C PRO B 343 10.31 -8.00 -9.42
N LEU B 344 10.11 -7.65 -10.69
CA LEU B 344 10.64 -8.42 -11.80
C LEU B 344 12.10 -8.81 -11.64
N SER B 345 12.91 -7.91 -11.09
CA SER B 345 14.33 -8.19 -10.89
C SER B 345 14.57 -9.45 -10.07
N GLN B 346 13.64 -9.76 -9.17
CA GLN B 346 13.79 -10.95 -8.35
C GLN B 346 13.56 -12.21 -9.17
N GLN B 347 12.65 -12.13 -10.14
CA GLN B 347 12.42 -13.28 -11.01
C GLN B 347 13.63 -13.44 -11.94
N GLN B 348 14.17 -12.32 -12.40
CA GLN B 348 15.33 -12.39 -13.28
C GLN B 348 16.51 -13.03 -12.53
N GLU B 349 16.63 -12.71 -11.24
CA GLU B 349 17.70 -13.27 -10.43
C GLU B 349 17.59 -14.78 -10.37
N ILE B 350 16.36 -15.28 -10.26
CA ILE B 350 16.13 -16.71 -10.22
C ILE B 350 16.55 -17.34 -11.56
N ALA B 351 16.14 -16.71 -12.65
CA ALA B 351 16.49 -17.22 -13.99
C ALA B 351 18.00 -17.24 -14.20
N ASP B 352 18.67 -16.16 -13.83
CA ASP B 352 20.11 -16.08 -13.99
C ASP B 352 20.86 -17.12 -13.18
N GLY B 353 20.45 -17.32 -11.93
CA GLY B 353 21.10 -18.30 -11.08
C GLY B 353 20.94 -19.72 -11.60
N LEU B 354 19.74 -20.05 -12.04
CA LEU B 354 19.51 -21.40 -12.55
C LEU B 354 20.32 -21.62 -13.82
N SER B 355 20.37 -20.61 -14.69
CA SER B 355 21.12 -20.71 -15.92
C SER B 355 22.62 -20.84 -15.64
N ALA B 356 23.09 -20.11 -14.63
CA ALA B 356 24.51 -20.14 -14.25
C ALA B 356 24.92 -21.55 -13.88
N GLY B 357 23.95 -22.35 -13.45
CA GLY B 357 24.22 -23.72 -13.04
C GLY B 357 24.01 -24.74 -14.14
N GLY B 358 23.78 -24.28 -15.37
CA GLY B 358 23.61 -25.21 -16.48
C GLY B 358 22.20 -25.50 -16.95
N ALA B 359 21.19 -25.00 -16.25
CA ALA B 359 19.82 -25.25 -16.66
C ALA B 359 19.49 -24.45 -17.92
N ASP B 360 18.63 -25.01 -18.77
CA ASP B 360 18.20 -24.34 -19.99
C ASP B 360 16.98 -23.52 -19.55
N VAL B 361 17.19 -22.23 -19.34
CA VAL B 361 16.13 -21.36 -18.84
C VAL B 361 15.44 -20.41 -19.82
N SER B 362 14.12 -20.39 -19.74
CA SER B 362 13.31 -19.49 -20.55
C SER B 362 12.81 -18.43 -19.57
N PHE B 363 13.15 -17.17 -19.81
CA PHE B 363 12.66 -16.11 -18.93
C PHE B 363 11.67 -15.27 -19.71
N LEU B 364 10.57 -14.90 -19.06
CA LEU B 364 9.58 -14.10 -19.75
C LEU B 364 8.94 -13.06 -18.86
N PRO B 365 9.17 -11.77 -19.17
CA PRO B 365 8.58 -10.68 -18.39
C PRO B 365 7.20 -10.46 -19.01
N VAL B 366 6.16 -10.42 -18.18
CA VAL B 366 4.81 -10.24 -18.70
C VAL B 366 4.33 -8.80 -18.60
N ASP B 367 3.93 -8.24 -19.74
CA ASP B 367 3.44 -6.87 -19.76
C ASP B 367 1.97 -6.89 -19.37
N THR B 368 1.73 -6.91 -18.06
CA THR B 368 0.39 -6.94 -17.51
C THR B 368 0.24 -5.89 -16.42
N PRO B 369 -0.97 -5.35 -16.24
CA PRO B 369 -1.22 -4.34 -15.21
C PRO B 369 -1.64 -4.96 -13.89
N ALA B 370 -1.80 -6.29 -13.89
CA ALA B 370 -2.24 -7.03 -12.71
C ALA B 370 -1.21 -7.33 -11.63
N GLY B 371 -0.01 -6.79 -11.76
CA GLY B 371 1.03 -7.00 -10.77
C GLY B 371 1.23 -8.40 -10.22
N HIS B 372 1.41 -8.49 -8.90
CA HIS B 372 1.63 -9.78 -8.26
C HIS B 372 0.48 -10.77 -8.41
N ASP B 373 -0.72 -10.27 -8.61
CA ASP B 373 -1.91 -11.12 -8.78
C ASP B 373 -2.03 -11.67 -10.21
N ALA B 374 -1.18 -11.22 -11.12
CA ALA B 374 -1.26 -11.65 -12.51
C ALA B 374 -1.26 -13.16 -12.77
N PHE B 375 -0.47 -13.91 -12.02
CA PHE B 375 -0.44 -15.35 -12.25
C PHE B 375 -1.78 -16.00 -11.91
N LEU B 376 -2.66 -15.23 -11.26
CA LEU B 376 -4.00 -15.71 -10.89
C LEU B 376 -5.11 -15.10 -11.73
N VAL B 377 -5.00 -13.81 -12.02
CA VAL B 377 -6.05 -13.11 -12.76
C VAL B 377 -5.76 -12.76 -14.21
N ASP B 378 -4.55 -13.03 -14.68
CA ASP B 378 -4.21 -12.75 -16.07
C ASP B 378 -3.60 -13.99 -16.70
N ILE B 379 -4.32 -15.11 -16.59
CA ILE B 379 -3.86 -16.35 -17.17
C ILE B 379 -3.87 -16.22 -18.69
N GLU B 380 -4.62 -15.26 -19.21
CA GLU B 380 -4.65 -15.03 -20.64
C GLU B 380 -3.23 -14.74 -21.11
N ARG B 381 -2.45 -14.09 -20.25
CA ARG B 381 -1.06 -13.76 -20.58
C ARG B 381 -0.03 -14.73 -19.99
N PHE B 382 -0.30 -15.25 -18.79
CA PHE B 382 0.62 -16.18 -18.15
C PHE B 382 0.50 -17.60 -18.68
N GLY B 383 -0.67 -17.94 -19.19
CA GLY B 383 -0.91 -19.28 -19.68
C GLY B 383 -0.13 -19.77 -20.89
N PRO B 384 -0.15 -19.04 -22.02
CA PRO B 384 0.57 -19.49 -23.21
C PRO B 384 2.05 -19.85 -23.01
N PRO B 385 2.81 -19.01 -22.27
CA PRO B 385 4.23 -19.34 -22.07
C PRO B 385 4.40 -20.64 -21.27
N VAL B 386 3.49 -20.87 -20.34
CA VAL B 386 3.55 -22.09 -19.53
C VAL B 386 3.29 -23.28 -20.45
N ALA B 387 2.29 -23.15 -21.31
CA ALA B 387 1.96 -24.22 -22.24
C ALA B 387 3.15 -24.50 -23.17
N LYS B 388 3.78 -23.43 -23.64
CA LYS B 388 4.93 -23.55 -24.54
C LYS B 388 6.08 -24.31 -23.89
N PHE B 389 6.37 -23.98 -22.63
CA PHE B 389 7.44 -24.64 -21.90
C PHE B 389 7.14 -26.13 -21.68
N LEU B 390 5.94 -26.42 -21.19
CA LEU B 390 5.57 -27.80 -20.93
C LEU B 390 5.54 -28.65 -22.19
N ALA B 391 5.30 -28.02 -23.35
CA ALA B 391 5.27 -28.75 -24.61
C ALA B 391 6.67 -29.26 -24.92
N ILE B 392 7.68 -28.54 -24.43
CA ILE B 392 9.07 -28.92 -24.63
C ILE B 392 9.45 -30.01 -23.63
N VAL B 393 8.87 -29.94 -22.44
CA VAL B 393 9.14 -30.92 -21.38
C VAL B 393 8.50 -32.27 -21.69
N ALA B 394 7.33 -32.24 -22.31
CA ALA B 394 6.59 -33.46 -22.63
C ALA B 394 7.41 -34.45 -23.46
#